data_9O0W
#
_entry.id   9O0W
#
_cell.length_a   78.698
_cell.length_b   153.693
_cell.length_c   137.471
_cell.angle_alpha   90.00
_cell.angle_beta   90.00
_cell.angle_gamma   90.00
#
_symmetry.space_group_name_H-M   'C 2 2 21'
#
loop_
_entity.id
_entity.type
_entity.pdbx_description
1 polymer 'Three-prime repair exonuclease 1'
2 non-polymer '5-({N-[(2,3-dichlorophenyl)methyl]-3,5-difluorobenzamido}methyl)pyridine-2-carboxylic acid'
3 non-polymer 'MAGNESIUM ION'
4 non-polymer 1,2-ETHANEDIOL
5 non-polymer 'UNKNOWN ATOM OR ION'
6 water water
#
_entity_poly.entity_id   1
_entity_poly.type   'polypeptide(L)'
_entity_poly.pdbx_seq_one_letter_code
;ALPHGHMQTLIFFDMEATGLPSSRPEVTELCLLAVHRCALESPPTSQGPPPTVPPPPRVVDKLSLCVAPGKACSPAASEI
TGLSTAVLAAHGRQCFDDNLANLLLAFLRRQPQPWCLVAHNGDRYDFPLLQAELAMLGLTSALDGAFCVDSITALKALER
ASSPSEHGPRKSYSLGSIYTRLYGQSPPDSHTAEGDVLALLSICQWRPQALLRWVDAHARPFGTIRPMYGVTAS
;
_entity_poly.pdbx_strand_id   A,B,C
#
# COMPACT_ATOMS: atom_id res chain seq x y z
N GLY A 5 -7.68 9.68 -10.19
CA GLY A 5 -6.45 9.60 -9.37
C GLY A 5 -5.25 10.28 -10.02
N HIS A 6 -4.21 10.53 -9.23
CA HIS A 6 -3.00 11.18 -9.69
C HIS A 6 -2.24 10.26 -10.64
N MET A 7 -1.72 10.84 -11.73
CA MET A 7 -0.93 10.08 -12.67
C MET A 7 0.39 9.67 -12.02
N GLN A 8 0.75 8.39 -12.14
CA GLN A 8 1.97 7.90 -11.52
C GLN A 8 3.17 7.96 -12.46
N THR A 9 2.92 7.84 -13.77
CA THR A 9 3.97 7.94 -14.77
C THR A 9 3.51 8.90 -15.87
N LEU A 10 4.39 9.82 -16.24
CA LEU A 10 4.23 10.63 -17.44
C LEU A 10 5.14 10.03 -18.50
N ILE A 11 4.55 9.67 -19.63
CA ILE A 11 5.31 9.10 -20.73
CA ILE A 11 5.31 9.10 -20.73
C ILE A 11 5.36 10.13 -21.86
N PHE A 12 6.51 10.82 -21.94
CA PHE A 12 6.74 11.80 -22.98
C PHE A 12 6.87 11.03 -24.29
N PHE A 13 6.21 11.53 -25.33
CA PHE A 13 5.96 10.71 -26.52
C PHE A 13 6.03 11.60 -27.76
N ASP A 14 6.78 11.12 -28.76
CA ASP A 14 6.82 11.80 -30.04
C ASP A 14 7.04 10.75 -31.12
N MET A 15 6.36 10.95 -32.25
CA MET A 15 6.56 10.11 -33.41
C MET A 15 6.92 10.94 -34.64
N GLU A 16 7.61 10.27 -35.56
N GLU A 16 7.57 10.26 -35.58
CA GLU A 16 7.80 10.76 -36.93
CA GLU A 16 7.75 10.80 -36.92
C GLU A 16 6.90 9.93 -37.83
C GLU A 16 6.98 9.91 -37.88
N ALA A 17 6.53 10.50 -38.99
CA ALA A 17 5.68 9.79 -39.92
C ALA A 17 6.04 10.15 -41.36
N THR A 18 5.37 9.47 -42.29
CA THR A 18 5.62 9.63 -43.71
C THR A 18 5.15 10.97 -44.25
N GLY A 19 4.29 11.67 -43.50
CA GLY A 19 3.70 12.91 -43.97
C GLY A 19 2.72 13.46 -42.94
N LEU A 20 2.03 14.56 -43.27
CA LEU A 20 1.04 15.19 -42.41
C LEU A 20 -0.25 14.40 -42.43
N PRO A 21 -1.14 14.63 -41.45
CA PRO A 21 -2.39 13.84 -41.35
C PRO A 21 -3.21 13.69 -42.62
N SER A 22 -3.29 14.74 -43.44
CA SER A 22 -4.10 14.74 -44.65
C SER A 22 -3.56 13.80 -45.73
N SER A 23 -2.32 13.29 -45.54
CA SER A 23 -1.71 12.35 -46.47
C SER A 23 -1.99 10.88 -46.10
N ARG A 24 -2.74 10.60 -45.02
CA ARG A 24 -2.93 9.24 -44.50
C ARG A 24 -1.57 8.63 -44.17
N PRO A 25 -0.84 9.23 -43.21
CA PRO A 25 0.55 8.84 -42.98
C PRO A 25 0.69 7.58 -42.14
N GLU A 26 1.91 7.04 -42.16
CA GLU A 26 2.30 5.89 -41.36
C GLU A 26 3.52 6.26 -40.53
N VAL A 27 3.62 5.64 -39.34
CA VAL A 27 4.73 5.86 -38.44
C VAL A 27 6.05 5.40 -39.05
N THR A 28 7.08 6.24 -38.89
CA THR A 28 8.45 5.91 -39.24
C THR A 28 9.38 5.86 -38.02
N GLU A 29 9.01 6.52 -36.91
CA GLU A 29 9.84 6.50 -35.71
C GLU A 29 8.96 6.82 -34.51
N LEU A 30 9.29 6.26 -33.35
CA LEU A 30 8.59 6.60 -32.13
C LEU A 30 9.58 6.61 -30.98
N CYS A 31 9.32 7.50 -30.03
CA CYS A 31 10.08 7.53 -28.80
C CYS A 31 9.10 7.72 -27.63
N LEU A 32 9.23 6.83 -26.64
N LEU A 32 9.27 6.85 -26.63
CA LEU A 32 8.52 6.88 -25.37
CA LEU A 32 8.60 6.96 -25.35
C LEU A 32 9.55 7.03 -24.26
C LEU A 32 9.66 7.15 -24.29
N LEU A 33 9.37 8.07 -23.42
N LEU A 33 9.45 8.11 -23.39
CA LEU A 33 10.25 8.33 -22.29
CA LEU A 33 10.32 8.31 -22.25
C LEU A 33 9.39 8.39 -21.03
C LEU A 33 9.45 8.41 -21.00
N ALA A 34 9.45 7.33 -20.22
CA ALA A 34 8.60 7.20 -19.06
C ALA A 34 9.32 7.73 -17.83
N VAL A 35 8.68 8.71 -17.19
CA VAL A 35 9.19 9.39 -16.02
C VAL A 35 8.18 9.25 -14.89
N HIS A 36 8.63 8.75 -13.74
CA HIS A 36 7.78 8.66 -12.56
C HIS A 36 7.44 10.07 -12.07
N ARG A 37 6.22 10.23 -11.55
CA ARG A 37 5.81 11.52 -11.03
C ARG A 37 6.78 12.06 -9.99
N CYS A 38 7.44 11.18 -9.22
CA CYS A 38 8.34 11.63 -8.16
C CYS A 38 9.51 12.45 -8.73
N ALA A 39 9.89 12.21 -9.99
CA ALA A 39 11.00 12.96 -10.58
C ALA A 39 10.63 14.41 -10.84
N LEU A 40 9.32 14.69 -10.94
CA LEU A 40 8.79 16.03 -11.17
C LEU A 40 8.31 16.66 -9.86
N GLU A 41 7.68 15.86 -8.99
CA GLU A 41 7.12 16.34 -7.74
C GLU A 41 8.20 16.53 -6.68
N SER A 42 9.23 15.66 -6.70
CA SER A 42 10.25 15.57 -5.65
C SER A 42 11.64 15.38 -6.26
N PRO A 43 12.12 16.31 -7.10
CA PRO A 43 13.43 16.14 -7.72
C PRO A 43 14.51 16.29 -6.66
N PRO A 44 15.63 15.53 -6.73
CA PRO A 44 16.69 15.62 -5.73
C PRO A 44 17.31 17.01 -5.75
N THR A 45 17.90 17.41 -4.63
CA THR A 45 18.61 18.68 -4.53
C THR A 45 19.98 18.53 -5.18
N SER A 46 20.55 19.67 -5.59
CA SER A 46 21.93 19.74 -6.07
C SER A 46 22.60 20.99 -5.47
N GLN A 47 23.93 20.94 -5.36
CA GLN A 47 24.71 22.05 -4.86
C GLN A 47 25.49 22.69 -6.02
N PRO A 50 22.97 24.48 -10.15
CA PRO A 50 22.04 25.47 -10.66
C PRO A 50 22.15 25.66 -12.17
N PRO A 51 21.96 24.60 -12.98
CA PRO A 51 22.13 24.68 -14.44
C PRO A 51 21.00 25.47 -15.08
N THR A 52 21.25 26.02 -16.27
CA THR A 52 20.23 26.75 -17.00
C THR A 52 19.08 25.80 -17.31
N VAL A 53 19.41 24.62 -17.83
CA VAL A 53 18.39 23.63 -18.19
C VAL A 53 18.47 22.50 -17.18
N PRO A 54 17.35 22.09 -16.56
CA PRO A 54 17.38 20.95 -15.64
C PRO A 54 17.91 19.71 -16.34
N PRO A 55 18.69 18.85 -15.64
CA PRO A 55 19.09 17.57 -16.21
C PRO A 55 17.90 16.61 -16.24
N PRO A 56 17.87 15.63 -17.16
CA PRO A 56 16.87 14.58 -17.07
C PRO A 56 17.05 13.81 -15.77
N PRO A 57 16.00 13.19 -15.25
CA PRO A 57 16.13 12.33 -14.06
C PRO A 57 17.11 11.20 -14.34
N ARG A 58 17.81 10.77 -13.31
CA ARG A 58 18.68 9.60 -13.42
C ARG A 58 17.89 8.36 -13.83
N VAL A 59 16.73 8.18 -13.21
CA VAL A 59 15.91 6.99 -13.41
C VAL A 59 14.79 7.34 -14.39
N VAL A 60 14.88 6.76 -15.60
CA VAL A 60 13.87 6.89 -16.62
C VAL A 60 13.88 5.58 -17.41
N ASP A 61 12.79 5.32 -18.11
CA ASP A 61 12.73 4.25 -19.09
C ASP A 61 12.55 4.91 -20.46
N LYS A 62 13.31 4.44 -21.44
CA LYS A 62 13.28 5.02 -22.78
C LYS A 62 13.20 3.92 -23.82
N LEU A 63 12.36 4.15 -24.83
CA LEU A 63 12.27 3.28 -25.99
C LEU A 63 12.23 4.18 -27.21
N SER A 64 13.18 3.99 -28.15
N SER A 64 13.20 3.96 -28.12
CA SER A 64 13.18 4.75 -29.39
CA SER A 64 13.26 4.66 -29.39
C SER A 64 13.40 3.77 -30.54
C SER A 64 13.33 3.60 -30.48
N LEU A 65 12.40 3.66 -31.42
CA LEU A 65 12.34 2.63 -32.47
C LEU A 65 12.05 3.29 -33.81
N CYS A 66 12.68 2.79 -34.86
CA CYS A 66 12.31 3.12 -36.23
C CYS A 66 11.43 2.02 -36.82
N VAL A 67 10.57 2.43 -37.76
CA VAL A 67 9.49 1.59 -38.27
C VAL A 67 9.45 1.74 -39.78
N ALA A 68 9.32 0.61 -40.48
CA ALA A 68 9.21 0.63 -41.92
C ALA A 68 7.76 0.92 -42.30
N PRO A 69 7.44 2.05 -42.93
CA PRO A 69 6.08 2.30 -43.38
C PRO A 69 5.77 1.53 -44.67
N GLY A 70 4.50 1.47 -45.03
CA GLY A 70 4.08 0.72 -46.19
C GLY A 70 4.10 1.57 -47.46
N LYS A 71 4.59 2.81 -47.36
CA LYS A 71 4.69 3.68 -48.52
C LYS A 71 5.84 4.65 -48.34
N ALA A 72 6.13 5.41 -49.40
CA ALA A 72 7.18 6.41 -49.38
C ALA A 72 6.81 7.56 -48.46
N CYS A 73 7.83 8.13 -47.82
CA CYS A 73 7.73 9.41 -47.16
C CYS A 73 7.68 10.51 -48.21
N SER A 74 6.95 11.58 -47.94
CA SER A 74 6.99 12.71 -48.85
C SER A 74 8.36 13.37 -48.80
N PRO A 75 8.75 14.11 -49.85
CA PRO A 75 9.99 14.89 -49.79
C PRO A 75 10.07 15.83 -48.58
N ALA A 76 8.98 16.52 -48.28
CA ALA A 76 8.93 17.42 -47.15
C ALA A 76 9.14 16.65 -45.85
N ALA A 77 8.48 15.49 -45.71
CA ALA A 77 8.65 14.69 -44.51
C ALA A 77 10.09 14.24 -44.33
N SER A 78 10.73 13.76 -45.42
CA SER A 78 12.11 13.31 -45.32
C SER A 78 13.04 14.46 -44.91
N GLU A 79 12.79 15.67 -45.42
CA GLU A 79 13.63 16.79 -45.07
C GLU A 79 13.58 17.14 -43.59
N ILE A 80 12.39 17.09 -42.99
CA ILE A 80 12.25 17.52 -41.61
C ILE A 80 12.55 16.39 -40.63
N THR A 81 12.28 15.12 -40.99
CA THR A 81 12.49 13.99 -40.10
C THR A 81 13.88 13.37 -40.27
N GLY A 82 14.51 13.56 -41.43
CA GLY A 82 15.78 12.90 -41.71
C GLY A 82 15.65 11.40 -42.01
N LEU A 83 14.42 10.92 -42.23
CA LEU A 83 14.14 9.53 -42.56
C LEU A 83 13.54 9.40 -43.95
N SER A 84 13.74 8.24 -44.57
CA SER A 84 13.03 7.88 -45.80
C SER A 84 12.76 6.38 -45.77
N THR A 85 11.76 5.96 -46.53
CA THR A 85 11.37 4.57 -46.55
C THR A 85 12.52 3.70 -47.05
N ALA A 86 13.23 4.15 -48.09
CA ALA A 86 14.38 3.41 -48.62
C ALA A 86 15.47 3.22 -47.57
N VAL A 87 15.76 4.28 -46.79
CA VAL A 87 16.84 4.18 -45.81
C VAL A 87 16.39 3.27 -44.65
N LEU A 88 15.14 3.39 -44.22
CA LEU A 88 14.61 2.50 -43.20
C LEU A 88 14.74 1.04 -43.63
N ALA A 89 14.48 0.78 -44.92
CA ALA A 89 14.61 -0.57 -45.46
C ALA A 89 16.06 -1.04 -45.46
N ALA A 90 17.00 -0.16 -45.83
CA ALA A 90 18.41 -0.52 -45.79
C ALA A 90 18.84 -0.95 -44.38
N HIS A 91 18.23 -0.35 -43.36
CA HIS A 91 18.54 -0.68 -41.97
C HIS A 91 17.68 -1.84 -41.43
N GLY A 92 17.00 -2.53 -42.32
CA GLY A 92 16.28 -3.75 -41.97
C GLY A 92 15.07 -3.50 -41.06
N ARG A 93 14.46 -2.31 -41.11
CA ARG A 93 13.34 -2.05 -40.22
C ARG A 93 12.11 -2.85 -40.63
N GLN A 94 11.35 -3.25 -39.61
CA GLN A 94 10.10 -3.98 -39.77
C GLN A 94 8.91 -3.04 -39.66
N CYS A 95 7.77 -3.48 -40.20
CA CYS A 95 6.57 -2.67 -40.20
C CYS A 95 5.95 -2.61 -38.81
N PHE A 96 4.90 -1.79 -38.70
CA PHE A 96 4.10 -1.69 -37.49
C PHE A 96 3.20 -2.92 -37.42
N ASP A 97 3.60 -3.90 -36.61
CA ASP A 97 2.97 -5.22 -36.60
C ASP A 97 2.62 -5.61 -35.16
N ASP A 98 2.08 -6.81 -35.02
CA ASP A 98 1.68 -7.32 -33.71
C ASP A 98 2.84 -7.31 -32.72
N ASN A 99 4.03 -7.72 -33.15
CA ASN A 99 5.16 -7.76 -32.25
C ASN A 99 5.47 -6.36 -31.73
N LEU A 100 5.37 -5.34 -32.59
CA LEU A 100 5.61 -3.97 -32.15
C LEU A 100 4.57 -3.56 -31.12
N ALA A 101 3.29 -3.88 -31.37
CA ALA A 101 2.25 -3.54 -30.41
C ALA A 101 2.52 -4.21 -29.06
N ASN A 102 2.95 -5.48 -29.10
CA ASN A 102 3.24 -6.21 -27.87
C ASN A 102 4.42 -5.58 -27.12
N LEU A 103 5.45 -5.15 -27.86
N LEU A 103 5.43 -5.15 -27.87
CA LEU A 103 6.61 -4.50 -27.29
CA LEU A 103 6.60 -4.49 -27.33
C LEU A 103 6.17 -3.21 -26.59
C LEU A 103 6.19 -3.21 -26.61
N LEU A 104 5.36 -2.39 -27.28
CA LEU A 104 4.86 -1.16 -26.67
C LEU A 104 4.10 -1.46 -25.38
N LEU A 105 3.23 -2.46 -25.40
CA LEU A 105 2.42 -2.79 -24.23
C LEU A 105 3.29 -3.31 -23.09
N ALA A 106 4.31 -4.11 -23.41
CA ALA A 106 5.20 -4.63 -22.40
C ALA A 106 6.02 -3.51 -21.75
N PHE A 107 6.44 -2.53 -22.56
CA PHE A 107 7.11 -1.35 -22.04
C PHE A 107 6.19 -0.57 -21.11
N LEU A 108 4.95 -0.32 -21.54
CA LEU A 108 4.02 0.43 -20.73
C LEU A 108 3.70 -0.31 -19.43
N ARG A 109 3.61 -1.64 -19.49
CA ARG A 109 3.30 -2.44 -18.32
C ARG A 109 4.40 -2.38 -17.26
N ARG A 110 5.62 -1.94 -17.62
CA ARG A 110 6.66 -1.72 -16.64
C ARG A 110 6.49 -0.42 -15.87
N GLN A 111 5.50 0.38 -16.23
CA GLN A 111 5.32 1.69 -15.60
C GLN A 111 4.14 1.62 -14.64
N PRO A 112 4.21 2.22 -13.44
CA PRO A 112 3.02 2.28 -12.58
C PRO A 112 1.89 3.09 -13.19
N GLN A 113 0.68 2.57 -12.98
CA GLN A 113 -0.53 3.20 -13.45
C GLN A 113 -1.12 4.11 -12.36
N PRO A 114 -1.95 5.10 -12.72
CA PRO A 114 -2.23 5.48 -14.11
C PRO A 114 -1.05 6.10 -14.85
N TRP A 115 -1.05 5.80 -16.17
N TRP A 115 -0.91 5.81 -16.14
CA TRP A 115 -0.10 6.23 -17.19
CA TRP A 115 0.11 6.51 -16.88
C TRP A 115 -0.67 7.46 -17.90
C TRP A 115 -0.55 7.38 -17.94
N CYS A 116 0.14 8.50 -18.21
CA CYS A 116 -0.34 9.56 -19.08
C CYS A 116 0.68 9.85 -20.17
N LEU A 117 0.29 9.64 -21.44
CA LEU A 117 1.11 10.04 -22.57
C LEU A 117 1.08 11.57 -22.67
N VAL A 118 2.23 12.17 -22.96
CA VAL A 118 2.34 13.62 -23.11
C VAL A 118 3.05 13.88 -24.44
N ALA A 119 2.35 14.53 -25.37
CA ALA A 119 2.90 14.78 -26.70
C ALA A 119 2.52 16.18 -27.17
N HIS A 120 3.44 16.79 -27.92
CA HIS A 120 3.27 18.19 -28.32
C HIS A 120 2.42 18.27 -29.59
N ASN A 121 1.25 18.92 -29.50
CA ASN A 121 0.25 18.79 -30.54
C ASN A 121 -0.12 17.31 -30.72
N GLY A 122 -0.13 16.58 -29.60
CA GLY A 122 -0.48 15.16 -29.62
C GLY A 122 -1.88 14.89 -30.17
N ASP A 123 -2.83 15.80 -29.95
CA ASP A 123 -4.20 15.58 -30.39
C ASP A 123 -4.29 15.60 -31.92
N ARG A 124 -3.35 16.32 -32.56
CA ARG A 124 -3.35 16.43 -34.01
C ARG A 124 -2.50 15.34 -34.65
N TYR A 125 -1.38 14.97 -34.02
CA TYR A 125 -0.36 14.13 -34.64
C TYR A 125 -0.33 12.75 -33.98
N ASP A 126 0.30 12.67 -32.79
CA ASP A 126 0.77 11.40 -32.27
C ASP A 126 -0.37 10.51 -31.81
N PHE A 127 -1.34 11.08 -31.10
CA PHE A 127 -2.40 10.27 -30.52
C PHE A 127 -3.27 9.65 -31.61
N PRO A 128 -3.83 10.43 -32.57
CA PRO A 128 -4.67 9.80 -33.59
C PRO A 128 -3.88 8.84 -34.49
N LEU A 129 -2.60 9.10 -34.75
CA LEU A 129 -1.85 8.21 -35.61
C LEU A 129 -1.59 6.89 -34.89
N LEU A 130 -1.24 6.93 -33.60
CA LEU A 130 -1.04 5.71 -32.85
C LEU A 130 -2.34 4.89 -32.85
N GLN A 131 -3.47 5.56 -32.63
CA GLN A 131 -4.75 4.87 -32.62
C GLN A 131 -5.05 4.25 -33.98
N ALA A 132 -4.70 4.95 -35.07
CA ALA A 132 -4.91 4.41 -36.42
C ALA A 132 -4.06 3.17 -36.65
N GLU A 133 -2.80 3.18 -36.21
CA GLU A 133 -1.90 2.05 -36.42
C GLU A 133 -2.42 0.83 -35.65
N LEU A 134 -2.84 1.04 -34.41
CA LEU A 134 -3.40 -0.04 -33.61
C LEU A 134 -4.67 -0.58 -34.25
N ALA A 135 -5.52 0.33 -34.76
CA ALA A 135 -6.77 -0.11 -35.38
C ALA A 135 -6.53 -0.99 -36.60
N MET A 136 -5.47 -0.70 -37.36
N MET A 136 -5.48 -0.68 -37.39
CA MET A 136 -5.17 -1.46 -38.56
CA MET A 136 -5.18 -1.45 -38.58
C MET A 136 -4.74 -2.89 -38.21
C MET A 136 -4.78 -2.88 -38.19
N LEU A 137 -4.29 -3.10 -36.97
CA LEU A 137 -3.91 -4.42 -36.48
C LEU A 137 -5.09 -5.13 -35.80
N GLY A 138 -6.24 -4.45 -35.68
CA GLY A 138 -7.37 -5.01 -34.96
C GLY A 138 -7.21 -4.89 -33.45
N LEU A 139 -6.37 -3.95 -32.99
CA LEU A 139 -6.08 -3.78 -31.58
C LEU A 139 -6.66 -2.46 -31.07
N THR A 140 -7.96 -2.27 -31.28
CA THR A 140 -8.57 -0.96 -31.14
C THR A 140 -8.60 -0.50 -29.68
N SER A 141 -8.59 -1.44 -28.73
CA SER A 141 -8.73 -1.08 -27.31
C SER A 141 -7.44 -1.29 -26.53
N ALA A 142 -6.31 -1.51 -27.23
CA ALA A 142 -5.10 -1.96 -26.56
C ALA A 142 -4.59 -0.95 -25.52
N LEU A 143 -4.86 0.35 -25.74
CA LEU A 143 -4.41 1.38 -24.81
C LEU A 143 -5.57 2.09 -24.12
N ASP A 144 -6.73 1.44 -24.00
CA ASP A 144 -7.88 2.06 -23.34
C ASP A 144 -7.51 2.45 -21.90
N GLY A 145 -6.57 1.73 -21.27
CA GLY A 145 -6.20 2.00 -19.88
C GLY A 145 -5.34 3.25 -19.70
N ALA A 146 -4.75 3.75 -20.79
CA ALA A 146 -3.88 4.91 -20.73
C ALA A 146 -4.68 6.21 -20.69
N PHE A 147 -4.00 7.26 -20.22
CA PHE A 147 -4.47 8.62 -20.35
C PHE A 147 -3.54 9.39 -21.28
N CYS A 148 -3.96 10.59 -21.67
CA CYS A 148 -3.12 11.41 -22.52
C CYS A 148 -3.40 12.89 -22.28
N VAL A 149 -2.37 13.71 -22.52
N VAL A 149 -2.37 13.69 -22.61
CA VAL A 149 -2.54 15.15 -22.61
CA VAL A 149 -2.36 15.15 -22.50
C VAL A 149 -1.68 15.65 -23.75
C VAL A 149 -1.58 15.73 -23.67
N ASP A 150 -2.13 16.77 -24.30
CA ASP A 150 -1.41 17.51 -25.32
C ASP A 150 -0.64 18.63 -24.62
N SER A 151 0.69 18.60 -24.74
CA SER A 151 1.54 19.56 -24.05
C SER A 151 1.37 20.99 -24.58
N ILE A 152 0.89 21.18 -25.82
CA ILE A 152 0.67 22.55 -26.26
C ILE A 152 -0.48 23.14 -25.45
N THR A 153 -1.53 22.35 -25.19
CA THR A 153 -2.66 22.79 -24.38
C THR A 153 -2.18 23.10 -22.96
N ALA A 154 -1.34 22.22 -22.41
CA ALA A 154 -0.84 22.35 -21.05
C ALA A 154 0.00 23.61 -20.92
N LEU A 155 0.94 23.80 -21.86
CA LEU A 155 1.92 24.87 -21.72
C LEU A 155 1.27 26.22 -22.01
N LYS A 156 0.27 26.26 -22.91
CA LYS A 156 -0.51 27.47 -23.11
C LYS A 156 -1.22 27.87 -21.82
N ALA A 157 -1.87 26.90 -21.17
CA ALA A 157 -2.64 27.16 -19.96
C ALA A 157 -1.71 27.65 -18.85
N LEU A 158 -0.51 27.06 -18.76
CA LEU A 158 0.43 27.40 -17.71
C LEU A 158 1.02 28.79 -17.95
N GLU A 159 1.30 29.12 -19.21
CA GLU A 159 1.77 30.45 -19.57
C GLU A 159 0.57 31.41 -19.56
N LYS A 171 2.22 34.50 -28.92
CA LYS A 171 3.53 33.80 -28.95
C LYS A 171 3.42 32.53 -29.81
N SER A 172 4.55 32.07 -30.36
CA SER A 172 4.64 30.76 -30.97
C SER A 172 4.72 29.69 -29.88
N TYR A 173 3.97 28.59 -30.06
CA TYR A 173 4.02 27.47 -29.13
C TYR A 173 4.62 26.25 -29.82
N SER A 174 5.50 26.48 -30.80
CA SER A 174 6.40 25.44 -31.25
C SER A 174 7.31 25.04 -30.10
N LEU A 175 7.82 23.81 -30.12
CA LEU A 175 8.66 23.32 -29.04
C LEU A 175 9.88 24.23 -28.88
N GLY A 176 10.54 24.54 -30.01
CA GLY A 176 11.72 25.38 -30.01
C GLY A 176 11.45 26.78 -29.46
N SER A 177 10.32 27.38 -29.86
CA SER A 177 9.93 28.70 -29.38
C SER A 177 9.74 28.70 -27.87
N ILE A 178 9.06 27.67 -27.35
CA ILE A 178 8.83 27.58 -25.92
C ILE A 178 10.17 27.42 -25.21
N TYR A 179 11.00 26.49 -25.70
CA TYR A 179 12.25 26.17 -25.03
C TYR A 179 13.11 27.42 -24.91
N THR A 180 13.18 28.19 -26.01
CA THR A 180 14.00 29.40 -26.08
C THR A 180 13.51 30.44 -25.07
N ARG A 181 12.18 30.57 -24.97
CA ARG A 181 11.55 31.52 -24.07
C ARG A 181 11.87 31.16 -22.61
N LEU A 182 11.91 29.84 -22.31
CA LEU A 182 12.10 29.38 -20.94
C LEU A 182 13.58 29.41 -20.56
N TYR A 183 14.46 28.97 -21.46
CA TYR A 183 15.85 28.68 -21.09
C TYR A 183 16.83 29.66 -21.73
N GLY A 184 16.35 30.55 -22.61
CA GLY A 184 17.18 31.61 -23.16
C GLY A 184 18.20 31.08 -24.16
N GLN A 185 17.92 29.92 -24.76
CA GLN A 185 18.79 29.30 -25.73
C GLN A 185 17.98 28.28 -26.52
N SER A 186 18.41 27.95 -27.74
CA SER A 186 17.73 26.97 -28.57
C SER A 186 17.95 25.58 -27.96
N PRO A 187 17.01 24.62 -28.16
CA PRO A 187 17.24 23.25 -27.73
C PRO A 187 18.35 22.60 -28.56
N PRO A 188 18.86 21.42 -28.12
CA PRO A 188 19.87 20.69 -28.89
C PRO A 188 19.42 20.49 -30.33
N ASP A 189 20.40 20.50 -31.23
CA ASP A 189 20.15 20.31 -32.65
C ASP A 189 20.02 18.81 -32.89
N SER A 190 18.80 18.28 -32.72
CA SER A 190 18.54 16.88 -32.98
C SER A 190 17.10 16.67 -33.42
N HIS A 191 16.92 16.61 -34.74
CA HIS A 191 15.64 16.49 -35.42
C HIS A 191 15.23 15.02 -35.45
N THR A 192 14.95 14.48 -34.27
CA THR A 192 14.59 13.07 -34.09
C THR A 192 13.46 13.00 -33.06
N ALA A 193 12.75 11.86 -33.06
CA ALA A 193 11.71 11.65 -32.06
C ALA A 193 12.28 11.74 -30.65
N GLU A 194 13.45 11.12 -30.43
CA GLU A 194 14.06 11.17 -29.11
C GLU A 194 14.48 12.59 -28.74
N GLY A 195 15.07 13.33 -29.68
CA GLY A 195 15.44 14.70 -29.40
C GLY A 195 14.22 15.54 -28.98
N ASP A 196 13.09 15.33 -29.68
CA ASP A 196 11.88 16.09 -29.38
C ASP A 196 11.32 15.72 -28.00
N VAL A 197 11.37 14.44 -27.66
CA VAL A 197 10.91 14.00 -26.35
C VAL A 197 11.79 14.61 -25.25
N LEU A 198 13.11 14.60 -25.46
CA LEU A 198 14.02 15.10 -24.43
C LEU A 198 13.81 16.59 -24.23
N ALA A 199 13.57 17.34 -25.32
CA ALA A 199 13.36 18.77 -25.18
C ALA A 199 12.02 19.05 -24.49
N LEU A 200 11.00 18.24 -24.78
CA LEU A 200 9.70 18.38 -24.13
C LEU A 200 9.83 18.10 -22.64
N LEU A 201 10.58 17.06 -22.27
CA LEU A 201 10.83 16.78 -20.87
C LEU A 201 11.46 18.01 -20.20
N SER A 202 12.49 18.60 -20.82
CA SER A 202 13.13 19.77 -20.23
C SER A 202 12.14 20.90 -20.00
N ILE A 203 11.27 21.15 -20.98
CA ILE A 203 10.25 22.19 -20.83
C ILE A 203 9.34 21.85 -19.66
N CYS A 204 8.96 20.58 -19.52
CA CYS A 204 8.03 20.18 -18.48
C CYS A 204 8.67 20.24 -17.10
N GLN A 205 10.02 20.24 -17.04
CA GLN A 205 10.73 20.36 -15.78
C GLN A 205 10.95 21.82 -15.34
N TRP A 206 10.51 22.80 -16.14
CA TRP A 206 10.73 24.21 -15.84
C TRP A 206 9.96 24.59 -14.57
N ARG A 207 8.66 24.27 -14.57
CA ARG A 207 7.80 24.42 -13.41
C ARG A 207 7.08 23.10 -13.18
N PRO A 208 7.80 22.09 -12.65
CA PRO A 208 7.32 20.71 -12.70
C PRO A 208 6.08 20.43 -11.86
N GLN A 209 5.97 21.08 -10.70
CA GLN A 209 4.82 20.85 -9.83
C GLN A 209 3.55 21.39 -10.47
N ALA A 210 3.64 22.59 -11.06
CA ALA A 210 2.50 23.17 -11.78
C ALA A 210 2.10 22.32 -12.98
N LEU A 211 3.10 21.83 -13.72
CA LEU A 211 2.87 21.01 -14.90
C LEU A 211 2.12 19.76 -14.46
N LEU A 212 2.63 19.12 -13.40
CA LEU A 212 2.07 17.88 -12.94
C LEU A 212 0.64 18.10 -12.42
N ARG A 213 0.39 19.22 -11.72
CA ARG A 213 -0.95 19.55 -11.27
C ARG A 213 -1.92 19.69 -12.46
N TRP A 214 -1.46 20.33 -13.53
CA TRP A 214 -2.32 20.51 -14.69
C TRP A 214 -2.64 19.17 -15.36
N VAL A 215 -1.62 18.32 -15.52
CA VAL A 215 -1.81 17.02 -16.13
C VAL A 215 -2.83 16.21 -15.33
N ASP A 216 -2.68 16.18 -14.00
CA ASP A 216 -3.58 15.41 -13.16
C ASP A 216 -5.02 15.90 -13.33
N ALA A 217 -5.20 17.22 -13.50
CA ALA A 217 -6.53 17.80 -13.62
C ALA A 217 -7.15 17.60 -15.00
N HIS A 218 -6.33 17.42 -16.05
CA HIS A 218 -6.85 17.46 -17.41
C HIS A 218 -6.58 16.18 -18.22
N ALA A 219 -5.96 15.16 -17.61
CA ALA A 219 -5.70 13.90 -18.32
C ALA A 219 -6.99 13.34 -18.88
N ARG A 220 -6.93 12.88 -20.14
CA ARG A 220 -8.08 12.35 -20.86
C ARG A 220 -7.85 10.87 -21.17
N PRO A 221 -8.87 9.99 -21.06
CA PRO A 221 -8.71 8.59 -21.44
C PRO A 221 -8.27 8.47 -22.89
N PHE A 222 -7.28 7.62 -23.15
CA PHE A 222 -6.77 7.48 -24.50
C PHE A 222 -7.85 6.93 -25.43
N GLY A 223 -8.78 6.14 -24.90
CA GLY A 223 -9.89 5.60 -25.67
C GLY A 223 -10.80 6.66 -26.29
N THR A 224 -10.72 7.92 -25.83
CA THR A 224 -11.51 9.00 -26.39
C THR A 224 -10.86 9.54 -27.66
N ILE A 225 -9.62 9.12 -27.96
CA ILE A 225 -8.93 9.59 -29.15
C ILE A 225 -9.39 8.73 -30.34
N ARG A 226 -10.02 9.37 -31.32
CA ARG A 226 -10.42 8.67 -32.52
C ARG A 226 -9.20 8.45 -33.40
N PRO A 227 -9.13 7.31 -34.13
CA PRO A 227 -8.06 7.09 -35.10
C PRO A 227 -8.04 8.19 -36.18
N MET A 228 -6.83 8.51 -36.63
CA MET A 228 -6.62 9.52 -37.64
C MET A 228 -7.39 9.19 -38.92
N TYR A 229 -7.48 7.90 -39.22
CA TYR A 229 -8.15 7.40 -40.41
C TYR A 229 -8.55 5.95 -40.16
N GLY A 230 -9.43 5.43 -41.03
CA GLY A 230 -9.87 4.04 -40.97
C GLY A 230 -9.40 3.28 -42.20
N VAL A 231 -9.91 2.05 -42.37
CA VAL A 231 -9.65 1.24 -43.55
C VAL A 231 -10.32 1.92 -44.76
N LEU B 2 -32.24 6.36 16.92
CA LEU B 2 -31.34 5.28 17.41
C LEU B 2 -32.09 3.94 17.38
N PRO B 3 -32.57 3.47 16.21
CA PRO B 3 -33.11 2.10 16.10
C PRO B 3 -32.07 0.97 16.11
N HIS B 4 -30.79 1.35 16.12
CA HIS B 4 -29.69 0.40 16.03
C HIS B 4 -29.45 -0.33 17.35
N GLY B 5 -29.82 0.33 18.45
CA GLY B 5 -29.55 -0.17 19.77
C GLY B 5 -28.11 0.10 20.18
N HIS B 6 -27.67 -0.63 21.18
CA HIS B 6 -26.33 -0.49 21.71
C HIS B 6 -25.29 -0.89 20.67
N MET B 7 -24.19 -0.14 20.63
CA MET B 7 -23.04 -0.51 19.83
C MET B 7 -22.36 -1.72 20.47
N GLN B 8 -22.09 -2.76 19.68
CA GLN B 8 -21.51 -4.00 20.19
C GLN B 8 -19.98 -3.95 20.13
N THR B 9 -19.43 -3.29 19.11
CA THR B 9 -17.99 -3.16 18.95
C THR B 9 -17.63 -1.70 18.75
N LEU B 10 -16.67 -1.21 19.54
N LEU B 10 -16.65 -1.22 19.54
CA LEU B 10 -16.07 0.08 19.28
CA LEU B 10 -16.01 0.06 19.34
C LEU B 10 -14.75 -0.19 18.56
C LEU B 10 -14.72 -0.19 18.57
N ILE B 11 -14.58 0.45 17.40
CA ILE B 11 -13.38 0.29 16.62
C ILE B 11 -12.63 1.61 16.68
N PHE B 12 -11.62 1.65 17.55
CA PHE B 12 -10.75 2.83 17.65
C PHE B 12 -9.94 2.92 16.37
N PHE B 13 -9.86 4.14 15.80
CA PHE B 13 -9.46 4.29 14.41
C PHE B 13 -8.62 5.55 14.29
N ASP B 14 -7.50 5.42 13.60
CA ASP B 14 -6.68 6.58 13.31
C ASP B 14 -5.95 6.34 11.99
N MET B 15 -5.87 7.39 11.16
CA MET B 15 -5.10 7.33 9.94
C MET B 15 -4.07 8.46 9.87
N GLU B 16 -3.01 8.20 9.10
N GLU B 16 -3.03 8.22 9.08
CA GLU B 16 -2.06 9.22 8.69
CA GLU B 16 -2.12 9.28 8.70
C GLU B 16 -2.31 9.49 7.21
C GLU B 16 -2.26 9.48 7.20
N ALA B 17 -1.96 10.69 6.75
CA ALA B 17 -2.18 11.07 5.37
C ALA B 17 -1.04 11.96 4.87
N THR B 18 -1.11 12.28 3.57
CA THR B 18 -0.09 13.05 2.88
C THR B 18 -0.12 14.54 3.25
N GLY B 19 -1.19 15.00 3.90
CA GLY B 19 -1.36 16.41 4.22
C GLY B 19 -2.71 16.65 4.89
N LEU B 20 -3.06 17.91 5.10
CA LEU B 20 -4.32 18.29 5.73
C LEU B 20 -5.43 18.35 4.70
N PRO B 21 -6.70 18.38 5.16
CA PRO B 21 -7.85 18.32 4.25
C PRO B 21 -7.78 19.25 3.04
N SER B 22 -7.32 20.49 3.22
CA SER B 22 -7.29 21.44 2.12
C SER B 22 -6.45 20.95 0.94
N SER B 23 -5.50 20.03 1.19
CA SER B 23 -4.55 19.56 0.20
C SER B 23 -5.04 18.38 -0.66
N ARG B 24 -6.29 17.93 -0.45
N ARG B 24 -6.28 17.92 -0.42
CA ARG B 24 -6.82 16.74 -1.11
CA ARG B 24 -6.82 16.75 -1.08
C ARG B 24 -5.89 15.57 -0.79
C ARG B 24 -5.92 15.55 -0.79
N PRO B 25 -5.76 15.19 0.50
CA PRO B 25 -4.75 14.21 0.90
C PRO B 25 -5.17 12.77 0.60
N GLU B 26 -4.19 11.88 0.70
CA GLU B 26 -4.40 10.45 0.57
C GLU B 26 -3.82 9.74 1.79
N VAL B 27 -4.40 8.58 2.12
CA VAL B 27 -3.98 7.78 3.26
C VAL B 27 -2.58 7.23 3.05
N THR B 28 -1.79 7.30 4.12
CA THR B 28 -0.47 6.68 4.18
C THR B 28 -0.40 5.58 5.26
N GLU B 29 -1.28 5.60 6.26
CA GLU B 29 -1.28 4.58 7.30
C GLU B 29 -2.67 4.56 7.93
N LEU B 30 -3.09 3.38 8.39
CA LEU B 30 -4.33 3.26 9.13
C LEU B 30 -4.16 2.22 10.23
N CYS B 31 -4.88 2.42 11.33
CA CYS B 31 -4.96 1.45 12.39
C CYS B 31 -6.41 1.37 12.87
N LEU B 32 -6.91 0.12 12.96
N LEU B 32 -6.91 0.13 12.94
CA LEU B 32 -8.21 -0.20 13.51
CA LEU B 32 -8.18 -0.19 13.57
C LEU B 32 -8.01 -1.13 14.70
C LEU B 32 -7.89 -1.05 14.79
N LEU B 33 -8.57 -0.76 15.86
N LEU B 33 -8.57 -0.77 15.91
CA LEU B 33 -8.48 -1.58 17.05
CA LEU B 33 -8.46 -1.62 17.08
C LEU B 33 -9.90 -1.82 17.56
C LEU B 33 -9.87 -1.84 17.61
N ALA B 34 -10.39 -3.05 17.38
CA ALA B 34 -11.76 -3.40 17.69
C ALA B 34 -11.84 -4.01 19.09
N VAL B 35 -12.71 -3.42 19.91
CA VAL B 35 -12.94 -3.80 21.29
C VAL B 35 -14.42 -4.06 21.47
N HIS B 36 -14.76 -5.25 21.99
CA HIS B 36 -16.15 -5.55 22.33
C HIS B 36 -16.58 -4.63 23.47
N ARG B 37 -17.86 -4.25 23.47
CA ARG B 37 -18.34 -3.33 24.48
C ARG B 37 -18.14 -3.90 25.89
N CYS B 38 -18.14 -5.22 26.02
CA CYS B 38 -18.02 -5.86 27.33
C CYS B 38 -16.69 -5.49 27.97
N ALA B 39 -15.66 -5.28 27.14
CA ALA B 39 -14.35 -4.92 27.65
C ALA B 39 -14.38 -3.53 28.28
N LEU B 40 -15.46 -2.77 28.01
CA LEU B 40 -15.64 -1.41 28.50
C LEU B 40 -16.82 -1.29 29.47
N GLU B 41 -17.71 -2.29 29.53
CA GLU B 41 -18.82 -2.23 30.47
C GLU B 41 -18.30 -2.53 31.87
N SER B 42 -17.38 -3.50 31.91
CA SER B 42 -16.95 -4.17 33.11
C SER B 42 -15.44 -4.43 33.01
N PRO B 43 -14.59 -3.38 33.13
CA PRO B 43 -13.13 -3.56 33.17
C PRO B 43 -12.66 -4.52 34.28
N THR B 52 -3.05 5.16 37.83
CA THR B 52 -2.26 4.47 36.78
C THR B 52 -3.05 4.49 35.46
N VAL B 53 -2.40 4.08 34.38
CA VAL B 53 -3.08 3.98 33.09
C VAL B 53 -3.60 2.55 32.97
N PRO B 54 -4.89 2.33 32.63
CA PRO B 54 -5.42 0.97 32.52
C PRO B 54 -4.74 0.25 31.36
N PRO B 55 -4.53 -1.09 31.47
CA PRO B 55 -3.97 -1.85 30.38
C PRO B 55 -5.03 -2.04 29.30
N PRO B 56 -4.64 -2.29 28.04
CA PRO B 56 -5.61 -2.66 27.01
C PRO B 56 -6.25 -3.99 27.40
N PRO B 57 -7.49 -4.27 26.94
CA PRO B 57 -8.09 -5.58 27.16
C PRO B 57 -7.19 -6.67 26.58
N ARG B 58 -7.22 -7.85 27.18
CA ARG B 58 -6.53 -9.02 26.66
C ARG B 58 -7.05 -9.39 25.27
N VAL B 59 -8.38 -9.35 25.11
CA VAL B 59 -9.00 -9.74 23.86
C VAL B 59 -9.34 -8.50 23.04
N VAL B 60 -8.58 -8.30 21.95
CA VAL B 60 -8.83 -7.24 21.00
C VAL B 60 -8.44 -7.75 19.62
N ASP B 61 -8.94 -7.06 18.58
CA ASP B 61 -8.48 -7.28 17.22
C ASP B 61 -7.81 -6.00 16.75
N LYS B 62 -6.67 -6.13 16.06
N LYS B 62 -6.67 -6.13 16.06
CA LYS B 62 -5.90 -4.97 15.65
CA LYS B 62 -5.93 -4.95 15.64
C LYS B 62 -5.40 -5.17 14.22
C LYS B 62 -5.41 -5.16 14.23
N LEU B 63 -5.53 -4.09 13.42
CA LEU B 63 -4.99 -4.07 12.07
C LEU B 63 -4.28 -2.73 11.90
N SER B 64 -2.98 -2.79 11.57
N SER B 64 -3.02 -2.78 11.46
CA SER B 64 -2.21 -1.59 11.25
CA SER B 64 -2.21 -1.59 11.25
C SER B 64 -1.57 -1.82 9.89
C SER B 64 -1.44 -1.73 9.94
N LEU B 65 -1.78 -0.89 8.96
CA LEU B 65 -1.28 -1.03 7.61
C LEU B 65 -0.73 0.30 7.13
N CYS B 66 0.36 0.22 6.36
CA CYS B 66 0.83 1.37 5.62
C CYS B 66 0.35 1.28 4.17
N VAL B 67 0.19 2.44 3.55
CA VAL B 67 -0.44 2.57 2.25
C VAL B 67 0.41 3.50 1.40
N ALA B 68 0.63 3.12 0.13
CA ALA B 68 1.34 3.99 -0.80
C ALA B 68 0.36 5.01 -1.36
N PRO B 69 0.52 6.32 -1.10
CA PRO B 69 -0.36 7.34 -1.68
C PRO B 69 0.05 7.60 -3.12
N GLY B 70 -0.84 8.27 -3.87
CA GLY B 70 -0.58 8.58 -5.26
C GLY B 70 0.19 9.88 -5.45
N LYS B 71 0.68 10.50 -4.37
CA LYS B 71 1.42 11.72 -4.47
C LYS B 71 2.34 11.87 -3.27
N ALA B 72 3.19 12.88 -3.32
CA ALA B 72 4.13 13.18 -2.25
C ALA B 72 3.39 13.67 -1.01
N CYS B 73 3.95 13.32 0.16
CA CYS B 73 3.55 13.92 1.42
C CYS B 73 4.14 15.33 1.48
N SER B 74 3.43 16.26 2.12
CA SER B 74 4.04 17.55 2.39
C SER B 74 5.19 17.37 3.36
N PRO B 75 6.17 18.31 3.38
CA PRO B 75 7.22 18.26 4.40
C PRO B 75 6.67 18.21 5.82
N ALA B 76 5.63 18.99 6.10
CA ALA B 76 5.02 19.02 7.42
C ALA B 76 4.44 17.64 7.75
N ALA B 77 3.72 17.03 6.79
CA ALA B 77 3.13 15.74 7.03
C ALA B 77 4.22 14.70 7.31
N SER B 78 5.30 14.70 6.53
CA SER B 78 6.36 13.72 6.74
C SER B 78 7.01 13.87 8.11
N GLU B 79 7.22 15.12 8.54
CA GLU B 79 7.85 15.32 9.83
C GLU B 79 6.99 14.79 10.97
N ILE B 80 5.68 15.09 10.95
N ILE B 80 5.69 15.11 10.95
CA ILE B 80 4.86 14.73 12.09
CA ILE B 80 4.80 14.75 12.04
C ILE B 80 4.48 13.24 12.04
C ILE B 80 4.53 13.24 12.03
N THR B 81 4.34 12.66 10.84
CA THR B 81 3.92 11.26 10.73
C THR B 81 5.11 10.30 10.71
N GLY B 82 6.30 10.79 10.34
CA GLY B 82 7.45 9.92 10.16
C GLY B 82 7.39 9.06 8.89
N LEU B 83 6.47 9.38 7.96
CA LEU B 83 6.30 8.65 6.72
C LEU B 83 6.58 9.58 5.54
N SER B 84 6.98 8.99 4.42
CA SER B 84 7.08 9.71 3.15
C SER B 84 6.73 8.75 2.03
N THR B 85 6.28 9.31 0.90
CA THR B 85 5.90 8.46 -0.21
C THR B 85 7.10 7.62 -0.69
N ALA B 86 8.29 8.23 -0.74
CA ALA B 86 9.48 7.50 -1.19
C ALA B 86 9.79 6.33 -0.25
N VAL B 87 9.68 6.54 1.07
CA VAL B 87 10.01 5.48 2.01
C VAL B 87 8.94 4.38 1.92
N LEU B 88 7.68 4.75 1.82
CA LEU B 88 6.63 3.76 1.67
C LEU B 88 6.88 2.89 0.44
N ALA B 89 7.36 3.51 -0.64
CA ALA B 89 7.69 2.77 -1.85
C ALA B 89 8.86 1.82 -1.62
N ALA B 90 9.89 2.26 -0.90
CA ALA B 90 11.02 1.40 -0.60
C ALA B 90 10.57 0.13 0.14
N HIS B 91 9.52 0.27 0.96
CA HIS B 91 8.97 -0.86 1.72
C HIS B 91 7.91 -1.62 0.92
N GLY B 92 7.81 -1.36 -0.38
CA GLY B 92 6.93 -2.09 -1.26
C GLY B 92 5.44 -1.93 -0.95
N ARG B 93 5.03 -0.79 -0.40
CA ARG B 93 3.63 -0.62 -0.06
C ARG B 93 2.79 -0.45 -1.32
N GLN B 94 1.56 -0.96 -1.24
CA GLN B 94 0.59 -0.87 -2.30
C GLN B 94 -0.40 0.24 -2.01
N CYS B 95 -1.07 0.69 -3.06
CA CYS B 95 -2.02 1.80 -2.97
C CYS B 95 -3.32 1.37 -2.31
N PHE B 96 -4.20 2.35 -2.09
CA PHE B 96 -5.53 2.10 -1.58
C PHE B 96 -6.38 1.57 -2.73
N ASP B 97 -6.57 0.25 -2.75
CA ASP B 97 -7.17 -0.45 -3.86
C ASP B 97 -8.31 -1.34 -3.37
N ASP B 98 -8.93 -2.07 -4.31
CA ASP B 98 -10.02 -2.98 -3.99
C ASP B 98 -9.64 -4.00 -2.92
N ASN B 99 -8.45 -4.60 -3.04
CA ASN B 99 -7.99 -5.58 -2.07
C ASN B 99 -7.97 -4.98 -0.66
N LEU B 100 -7.48 -3.73 -0.54
CA LEU B 100 -7.45 -3.07 0.75
C LEU B 100 -8.87 -2.88 1.28
N ALA B 101 -9.79 -2.39 0.44
CA ALA B 101 -11.16 -2.22 0.90
C ALA B 101 -11.77 -3.54 1.36
N ASN B 102 -11.49 -4.61 0.62
CA ASN B 102 -11.96 -5.95 0.99
C ASN B 102 -11.35 -6.40 2.32
N LEU B 103 -10.06 -6.11 2.53
CA LEU B 103 -9.38 -6.46 3.77
C LEU B 103 -10.07 -5.75 4.95
N LEU B 104 -10.32 -4.45 4.80
CA LEU B 104 -10.98 -3.69 5.85
C LEU B 104 -12.35 -4.28 6.17
N LEU B 105 -13.11 -4.61 5.12
CA LEU B 105 -14.46 -5.11 5.32
C LEU B 105 -14.40 -6.50 5.98
N ALA B 106 -13.43 -7.34 5.61
CA ALA B 106 -13.27 -8.66 6.21
C ALA B 106 -12.94 -8.53 7.70
N PHE B 107 -12.08 -7.56 8.03
CA PHE B 107 -11.73 -7.29 9.42
C PHE B 107 -12.96 -6.85 10.20
N LEU B 108 -13.74 -5.91 9.64
CA LEU B 108 -14.94 -5.44 10.30
C LEU B 108 -15.95 -6.57 10.46
N ARG B 109 -16.06 -7.45 9.47
CA ARG B 109 -17.00 -8.56 9.53
C ARG B 109 -16.67 -9.60 10.61
N ARG B 110 -15.46 -9.57 11.17
CA ARG B 110 -15.16 -10.41 12.33
C ARG B 110 -15.65 -9.81 13.64
N GLN B 111 -16.24 -8.62 13.60
CA GLN B 111 -16.70 -7.95 14.80
C GLN B 111 -18.23 -8.00 14.86
N PRO B 112 -18.83 -8.23 16.04
CA PRO B 112 -20.29 -8.15 16.14
C PRO B 112 -20.79 -6.74 15.87
N GLN B 113 -21.93 -6.69 15.17
CA GLN B 113 -22.59 -5.43 14.87
C GLN B 113 -23.59 -5.09 15.97
N PRO B 114 -23.96 -3.81 16.15
CA PRO B 114 -23.42 -2.67 15.40
C PRO B 114 -21.97 -2.29 15.71
N TRP B 115 -21.27 -1.86 14.65
CA TRP B 115 -19.90 -1.37 14.66
C TRP B 115 -19.92 0.15 14.85
N CYS B 116 -19.05 0.68 15.71
CA CYS B 116 -18.87 2.12 15.81
C CYS B 116 -17.39 2.49 15.74
N LEU B 117 -17.02 3.16 14.65
CA LEU B 117 -15.69 3.75 14.52
C LEU B 117 -15.57 4.92 15.48
N VAL B 118 -14.44 5.02 16.18
CA VAL B 118 -14.17 6.09 17.13
C VAL B 118 -12.82 6.70 16.76
N ALA B 119 -12.81 8.00 16.42
CA ALA B 119 -11.60 8.65 15.97
C ALA B 119 -11.56 10.08 16.49
N HIS B 120 -10.33 10.54 16.79
CA HIS B 120 -10.13 11.82 17.44
C HIS B 120 -10.11 12.94 16.38
N ASN B 121 -11.08 13.86 16.47
CA ASN B 121 -11.33 14.75 15.35
C ASN B 121 -11.66 13.93 14.10
N GLY B 122 -12.34 12.79 14.27
CA GLY B 122 -12.68 11.94 13.15
C GLY B 122 -13.55 12.66 12.11
N ASP B 123 -14.38 13.61 12.55
CA ASP B 123 -15.24 14.30 11.61
C ASP B 123 -14.46 15.18 10.65
N ARG B 124 -13.29 15.67 11.09
CA ARG B 124 -12.44 16.52 10.28
C ARG B 124 -11.46 15.69 9.44
N TYR B 125 -10.96 14.58 9.98
CA TYR B 125 -9.85 13.84 9.37
C TYR B 125 -10.30 12.48 8.85
N ASP B 126 -10.42 11.51 9.76
CA ASP B 126 -10.43 10.11 9.37
C ASP B 126 -11.71 9.72 8.64
N PHE B 127 -12.88 10.16 9.12
CA PHE B 127 -14.12 9.72 8.51
C PHE B 127 -14.24 10.25 7.08
N PRO B 128 -14.12 11.57 6.82
CA PRO B 128 -14.25 12.06 5.44
C PRO B 128 -13.16 11.53 4.51
N LEU B 129 -11.95 11.31 5.03
CA LEU B 129 -10.89 10.79 4.16
C LEU B 129 -11.18 9.34 3.78
N LEU B 130 -11.61 8.52 4.74
CA LEU B 130 -11.96 7.14 4.44
C LEU B 130 -13.07 7.10 3.39
N GLN B 131 -14.11 7.93 3.54
N GLN B 131 -14.09 7.95 3.56
CA GLN B 131 -15.20 7.96 2.57
CA GLN B 131 -15.19 8.01 2.61
C GLN B 131 -14.68 8.39 1.20
C GLN B 131 -14.69 8.39 1.22
N ALA B 132 -13.74 9.34 1.16
CA ALA B 132 -13.19 9.79 -0.12
C ALA B 132 -12.41 8.66 -0.81
N GLU B 133 -11.61 7.91 -0.05
CA GLU B 133 -10.83 6.82 -0.64
C GLU B 133 -11.75 5.72 -1.16
N LEU B 134 -12.81 5.41 -0.41
CA LEU B 134 -13.78 4.42 -0.89
C LEU B 134 -14.50 4.92 -2.14
N ALA B 135 -14.88 6.20 -2.17
CA ALA B 135 -15.59 6.75 -3.32
C ALA B 135 -14.73 6.68 -4.58
N MET B 136 -13.42 6.91 -4.44
CA MET B 136 -12.52 6.87 -5.58
C MET B 136 -12.46 5.46 -6.19
N LEU B 137 -12.79 4.43 -5.39
CA LEU B 137 -12.83 3.05 -5.86
C LEU B 137 -14.22 2.65 -6.35
N GLY B 138 -15.20 3.56 -6.31
CA GLY B 138 -16.57 3.23 -6.66
C GLY B 138 -17.25 2.39 -5.58
N LEU B 139 -16.74 2.46 -4.34
CA LEU B 139 -17.29 1.71 -3.22
C LEU B 139 -17.95 2.65 -2.21
N THR B 140 -18.77 3.58 -2.70
CA THR B 140 -19.33 4.63 -1.85
C THR B 140 -20.15 4.05 -0.69
N SER B 141 -20.86 2.93 -0.89
CA SER B 141 -21.76 2.42 0.13
C SER B 141 -21.12 1.35 1.02
N ALA B 142 -19.81 1.09 0.86
CA ALA B 142 -19.19 -0.10 1.42
C ALA B 142 -19.35 -0.17 2.94
N LEU B 143 -19.35 0.98 3.62
CA LEU B 143 -19.43 1.04 5.07
C LEU B 143 -20.74 1.65 5.56
N ASP B 144 -21.81 1.58 4.76
N ASP B 144 -21.73 1.80 4.67
CA ASP B 144 -23.09 2.20 5.10
CA ASP B 144 -23.10 2.07 5.08
C ASP B 144 -23.66 1.62 6.39
C ASP B 144 -23.50 0.94 6.01
N GLY B 145 -23.28 0.38 6.74
N GLY B 145 -23.99 1.29 7.19
CA GLY B 145 -23.84 -0.29 7.91
CA GLY B 145 -24.26 0.26 8.20
C GLY B 145 -23.18 0.15 9.22
C GLY B 145 -23.25 0.31 9.34
N ALA B 146 -22.04 0.83 9.11
CA ALA B 146 -21.21 1.18 10.25
C ALA B 146 -21.75 2.47 10.85
N PHE B 147 -21.37 2.72 12.10
CA PHE B 147 -21.59 3.99 12.76
C PHE B 147 -20.24 4.62 13.07
N CYS B 148 -20.28 5.90 13.47
CA CYS B 148 -19.07 6.59 13.85
C CYS B 148 -19.35 7.63 14.93
N VAL B 149 -18.29 7.89 15.70
CA VAL B 149 -18.28 8.90 16.75
C VAL B 149 -16.92 9.60 16.70
N ASP B 150 -16.95 10.94 16.85
CA ASP B 150 -15.76 11.74 17.03
C ASP B 150 -15.45 11.81 18.51
N SER B 151 -14.29 11.32 18.92
CA SER B 151 -13.96 11.25 20.34
C SER B 151 -13.80 12.62 20.99
N ILE B 152 -13.48 13.68 20.21
N ILE B 152 -13.48 13.68 20.21
CA ILE B 152 -13.39 15.00 20.81
CA ILE B 152 -13.41 15.00 20.83
C ILE B 152 -14.79 15.46 21.23
C ILE B 152 -14.80 15.47 21.23
N THR B 153 -15.80 15.20 20.38
CA THR B 153 -17.18 15.56 20.69
C THR B 153 -17.59 14.80 21.95
N ALA B 154 -17.28 13.49 21.98
CA ALA B 154 -17.63 12.65 23.10
C ALA B 154 -16.96 13.14 24.37
N LEU B 155 -15.64 13.36 24.31
CA LEU B 155 -14.89 13.65 25.53
C LEU B 155 -15.25 15.04 26.07
N LYS B 156 -15.58 15.97 25.17
CA LYS B 156 -16.05 17.29 25.60
C LYS B 156 -17.37 17.15 26.35
N ALA B 157 -18.26 16.26 25.86
CA ALA B 157 -19.53 16.03 26.52
C ALA B 157 -19.32 15.43 27.91
N LEU B 158 -18.47 14.39 28.00
CA LEU B 158 -18.21 13.74 29.28
C LEU B 158 -17.62 14.75 30.25
N GLU B 159 -16.66 15.56 29.78
CA GLU B 159 -16.04 16.59 30.60
C GLU B 159 -17.11 17.53 31.15
N ARG B 160 -18.06 17.92 30.29
CA ARG B 160 -19.16 18.78 30.68
C ARG B 160 -20.28 17.90 31.28
N SER B 172 -6.79 22.83 25.44
CA SER B 172 -6.35 21.88 24.38
C SER B 172 -7.06 20.53 24.49
N TYR B 173 -7.52 20.03 23.34
CA TYR B 173 -8.13 18.71 23.24
C TYR B 173 -7.30 17.81 22.32
N SER B 174 -6.01 18.12 22.17
CA SER B 174 -5.07 17.17 21.59
C SER B 174 -5.10 15.88 22.42
N LEU B 175 -4.81 14.76 21.77
CA LEU B 175 -4.80 13.48 22.47
C LEU B 175 -3.82 13.55 23.63
N GLY B 176 -2.64 14.14 23.39
CA GLY B 176 -1.60 14.27 24.40
C GLY B 176 -2.06 15.08 25.60
N SER B 177 -2.73 16.22 25.34
CA SER B 177 -3.18 17.09 26.41
C SER B 177 -4.22 16.38 27.29
N ILE B 178 -5.17 15.70 26.64
CA ILE B 178 -6.22 14.97 27.34
C ILE B 178 -5.60 13.87 28.19
N TYR B 179 -4.72 13.07 27.58
CA TYR B 179 -4.09 11.94 28.28
C TYR B 179 -3.34 12.42 29.51
N THR B 180 -2.59 13.52 29.36
CA THR B 180 -1.79 14.08 30.45
C THR B 180 -2.70 14.55 31.57
N ARG B 181 -3.82 15.21 31.22
CA ARG B 181 -4.76 15.69 32.23
C ARG B 181 -5.31 14.51 33.03
N LEU B 182 -5.63 13.41 32.35
CA LEU B 182 -6.26 12.25 32.97
C LEU B 182 -5.26 11.45 33.80
N TYR B 183 -4.06 11.19 33.25
CA TYR B 183 -3.16 10.19 33.81
C TYR B 183 -1.90 10.81 34.42
N GLY B 184 -1.71 12.13 34.26
CA GLY B 184 -0.64 12.84 34.92
C GLY B 184 0.74 12.52 34.34
N GLN B 185 0.76 12.08 33.08
CA GLN B 185 1.98 11.76 32.37
C GLN B 185 1.67 11.77 30.87
N SER B 186 2.69 12.02 30.05
CA SER B 186 2.51 12.08 28.61
C SER B 186 2.29 10.66 28.09
N PRO B 187 1.54 10.48 26.99
CA PRO B 187 1.39 9.15 26.39
C PRO B 187 2.73 8.71 25.83
N PRO B 188 2.93 7.40 25.55
CA PRO B 188 4.15 6.92 24.91
C PRO B 188 4.48 7.79 23.70
N ASP B 189 5.77 8.08 23.49
CA ASP B 189 6.22 8.85 22.34
C ASP B 189 6.24 7.92 21.12
N SER B 190 5.21 8.01 20.27
CA SER B 190 5.06 7.11 19.15
C SER B 190 4.97 7.87 17.82
N HIS B 191 4.00 8.77 17.68
CA HIS B 191 3.70 9.46 16.43
C HIS B 191 3.41 8.46 15.32
N THR B 192 2.55 7.47 15.59
CA THR B 192 2.11 6.49 14.60
C THR B 192 0.60 6.33 14.75
N ALA B 193 -0.04 5.77 13.71
CA ALA B 193 -1.47 5.54 13.77
C ALA B 193 -1.82 4.60 14.93
N GLU B 194 -1.03 3.53 15.09
CA GLU B 194 -1.30 2.58 16.17
C GLU B 194 -1.07 3.23 17.54
N GLY B 195 -0.03 4.07 17.65
CA GLY B 195 0.24 4.75 18.91
C GLY B 195 -0.94 5.63 19.30
N ASP B 196 -1.50 6.35 18.33
CA ASP B 196 -2.62 7.25 18.57
C ASP B 196 -3.87 6.46 18.95
N VAL B 197 -4.12 5.33 18.28
CA VAL B 197 -5.25 4.47 18.62
C VAL B 197 -5.11 3.95 20.06
N LEU B 198 -3.90 3.50 20.44
CA LEU B 198 -3.71 2.94 21.77
C LEU B 198 -3.90 4.02 22.84
N ALA B 199 -3.47 5.24 22.58
CA ALA B 199 -3.62 6.31 23.55
C ALA B 199 -5.09 6.70 23.66
N LEU B 200 -5.82 6.68 22.53
CA LEU B 200 -7.24 7.00 22.53
C LEU B 200 -8.00 5.94 23.32
N LEU B 201 -7.64 4.67 23.12
CA LEU B 201 -8.24 3.60 23.91
C LEU B 201 -8.05 3.88 25.41
N SER B 202 -6.83 4.23 25.82
CA SER B 202 -6.57 4.48 27.24
C SER B 202 -7.47 5.59 27.77
N ILE B 203 -7.64 6.67 27.00
CA ILE B 203 -8.46 7.79 27.41
C ILE B 203 -9.91 7.32 27.55
N CYS B 204 -10.35 6.48 26.61
CA CYS B 204 -11.74 6.06 26.61
C CYS B 204 -12.04 5.07 27.73
N GLN B 205 -10.98 4.47 28.29
CA GLN B 205 -11.10 3.57 29.43
C GLN B 205 -11.17 4.33 30.76
N TRP B 206 -11.06 5.65 30.76
CA TRP B 206 -11.10 6.45 31.98
C TRP B 206 -12.46 6.32 32.67
N ARG B 207 -13.53 6.60 31.91
CA ARG B 207 -14.90 6.50 32.40
C ARG B 207 -15.69 5.71 31.37
N PRO B 208 -15.48 4.38 31.28
CA PRO B 208 -15.96 3.62 30.12
C PRO B 208 -17.49 3.47 30.01
N GLN B 209 -18.18 3.35 31.15
CA GLN B 209 -19.62 3.20 31.11
C GLN B 209 -20.28 4.48 30.59
N ALA B 210 -19.78 5.64 31.05
CA ALA B 210 -20.33 6.92 30.61
C ALA B 210 -20.07 7.12 29.11
N LEU B 211 -18.89 6.69 28.66
CA LEU B 211 -18.57 6.80 27.25
C LEU B 211 -19.53 5.95 26.41
N LEU B 212 -19.76 4.70 26.84
CA LEU B 212 -20.65 3.81 26.11
C LEU B 212 -22.05 4.43 26.03
N ARG B 213 -22.53 5.01 27.13
CA ARG B 213 -23.85 5.63 27.13
C ARG B 213 -23.91 6.71 26.06
N TRP B 214 -22.87 7.54 26.00
CA TRP B 214 -22.84 8.64 25.06
C TRP B 214 -22.76 8.13 23.62
N VAL B 215 -21.88 7.14 23.37
CA VAL B 215 -21.73 6.58 22.04
C VAL B 215 -23.07 6.00 21.56
N ASP B 216 -23.74 5.25 22.44
CA ASP B 216 -24.99 4.59 22.08
C ASP B 216 -26.06 5.62 21.71
N ALA B 217 -26.03 6.78 22.39
CA ALA B 217 -27.02 7.83 22.17
C ALA B 217 -26.69 8.69 20.95
N HIS B 218 -25.42 8.79 20.56
CA HIS B 218 -25.00 9.83 19.64
C HIS B 218 -24.30 9.29 18.39
N ALA B 219 -24.08 7.98 18.30
CA ALA B 219 -23.42 7.40 17.14
C ALA B 219 -24.17 7.81 15.87
N ARG B 220 -23.40 8.14 14.83
CA ARG B 220 -23.92 8.61 13.55
C ARG B 220 -23.71 7.55 12.48
N PRO B 221 -24.71 7.28 11.61
CA PRO B 221 -24.49 6.37 10.49
C PRO B 221 -23.34 6.86 9.61
N PHE B 222 -22.44 5.95 9.24
CA PHE B 222 -21.26 6.35 8.50
C PHE B 222 -21.65 6.91 7.13
N GLY B 223 -22.79 6.48 6.58
CA GLY B 223 -23.26 6.96 5.28
C GLY B 223 -23.64 8.44 5.29
N THR B 224 -23.78 9.05 6.47
CA THR B 224 -24.04 10.48 6.54
C THR B 224 -22.75 11.29 6.48
N ILE B 225 -21.58 10.63 6.47
CA ILE B 225 -20.31 11.33 6.35
C ILE B 225 -20.03 11.56 4.88
N ARG B 226 -19.98 12.85 4.50
CA ARG B 226 -19.66 13.19 3.13
C ARG B 226 -18.17 12.98 2.90
N PRO B 227 -17.78 12.53 1.69
CA PRO B 227 -16.35 12.43 1.36
C PRO B 227 -15.65 13.78 1.46
N MET B 228 -14.38 13.72 1.84
CA MET B 228 -13.56 14.91 2.01
C MET B 228 -13.49 15.69 0.71
N TYR B 229 -13.45 14.95 -0.40
CA TYR B 229 -13.37 15.53 -1.72
C TYR B 229 -14.01 14.55 -2.70
N GLY B 230 -14.39 15.12 -3.86
CA GLY B 230 -15.08 14.38 -4.89
C GLY B 230 -14.10 13.89 -5.95
N VAL B 231 -14.65 13.16 -6.94
CA VAL B 231 -13.89 12.62 -8.06
C VAL B 231 -13.05 13.73 -8.72
N LEU C 2 20.70 -19.66 -2.23
CA LEU C 2 19.47 -18.86 -2.49
C LEU C 2 18.49 -19.71 -3.29
N PRO C 3 17.82 -20.70 -2.65
CA PRO C 3 16.96 -21.64 -3.38
C PRO C 3 15.69 -21.06 -4.01
N HIS C 4 15.24 -19.89 -3.53
CA HIS C 4 13.95 -19.35 -3.92
C HIS C 4 13.96 -17.83 -4.09
N GLY C 5 15.10 -17.27 -4.53
CA GLY C 5 15.26 -15.82 -4.69
C GLY C 5 15.34 -15.13 -3.33
N HIS C 6 15.64 -13.82 -3.31
CA HIS C 6 15.70 -13.10 -2.05
C HIS C 6 14.29 -12.84 -1.55
N MET C 7 14.05 -13.15 -0.27
CA MET C 7 12.75 -12.88 0.33
C MET C 7 12.57 -11.37 0.42
N GLN C 8 11.40 -10.87 -0.01
CA GLN C 8 11.14 -9.44 0.01
C GLN C 8 10.44 -9.01 1.31
N THR C 9 9.68 -9.93 1.92
CA THR C 9 8.98 -9.64 3.16
C THR C 9 9.21 -10.79 4.13
N LEU C 10 9.58 -10.46 5.37
CA LEU C 10 9.55 -11.41 6.47
C LEU C 10 8.29 -11.14 7.29
N ILE C 11 7.47 -12.17 7.48
CA ILE C 11 6.26 -12.04 8.26
C ILE C 11 6.44 -12.81 9.56
N PHE C 12 6.73 -12.06 10.62
CA PHE C 12 6.88 -12.64 11.95
C PHE C 12 5.49 -13.09 12.38
N PHE C 13 5.41 -14.30 12.96
CA PHE C 13 4.15 -14.98 13.12
C PHE C 13 4.14 -15.75 14.43
N ASP C 14 3.06 -15.61 15.20
CA ASP C 14 2.87 -16.43 16.39
C ASP C 14 1.39 -16.61 16.62
N MET C 15 1.01 -17.82 17.03
CA MET C 15 -0.36 -18.12 17.40
C MET C 15 -0.46 -18.68 18.82
N GLU C 16 -1.63 -18.48 19.43
N GLU C 16 -1.64 -18.53 19.40
CA GLU C 16 -2.04 -19.18 20.64
CA GLU C 16 -2.00 -19.23 20.62
C GLU C 16 -3.08 -20.22 20.23
C GLU C 16 -3.13 -20.19 20.28
N ALA C 17 -3.21 -21.29 21.03
CA ALA C 17 -4.15 -22.35 20.74
C ALA C 17 -4.76 -22.90 22.03
N THR C 18 -5.72 -23.81 21.84
CA THR C 18 -6.45 -24.42 22.94
C THR C 18 -5.60 -25.40 23.76
N GLY C 19 -4.45 -25.81 23.22
CA GLY C 19 -3.63 -26.81 23.86
C GLY C 19 -2.40 -27.15 23.00
N LEU C 20 -1.62 -28.14 23.40
CA LEU C 20 -0.45 -28.60 22.67
C LEU C 20 -0.87 -29.50 21.50
N PRO C 21 0.03 -29.74 20.53
CA PRO C 21 -0.32 -30.51 19.35
C PRO C 21 -1.05 -31.84 19.57
N SER C 22 -0.65 -32.60 20.59
CA SER C 22 -1.21 -33.92 20.86
C SER C 22 -2.67 -33.85 21.32
N SER C 23 -3.20 -32.65 21.60
CA SER C 23 -4.60 -32.46 21.97
C SER C 23 -5.52 -32.15 20.78
N ARG C 24 -4.99 -32.13 19.55
N ARG C 24 -4.97 -32.12 19.56
CA ARG C 24 -5.72 -31.70 18.38
CA ARG C 24 -5.71 -31.70 18.37
C ARG C 24 -6.23 -30.27 18.62
C ARG C 24 -6.22 -30.27 18.59
N PRO C 25 -5.31 -29.30 18.80
CA PRO C 25 -5.70 -27.96 19.24
C PRO C 25 -6.25 -27.11 18.10
N GLU C 26 -6.87 -26.00 18.51
N GLU C 26 -6.91 -26.01 18.50
CA GLU C 26 -7.44 -25.02 17.60
CA GLU C 26 -7.43 -25.04 17.54
C GLU C 26 -6.87 -23.65 17.94
C GLU C 26 -6.90 -23.66 17.93
N VAL C 27 -6.72 -22.81 16.91
CA VAL C 27 -6.26 -21.45 17.10
C VAL C 27 -7.23 -20.64 17.94
N THR C 28 -6.66 -19.88 18.89
CA THR C 28 -7.39 -18.89 19.68
C THR C 28 -6.89 -17.47 19.43
N GLU C 29 -5.67 -17.31 18.91
CA GLU C 29 -5.15 -15.97 18.63
C GLU C 29 -4.04 -16.10 17.60
N LEU C 30 -3.92 -15.10 16.73
CA LEU C 30 -2.82 -15.07 15.80
C LEU C 30 -2.32 -13.63 15.67
N CYS C 31 -1.03 -13.51 15.39
CA CYS C 31 -0.44 -12.22 15.05
C CYS C 31 0.53 -12.42 13.89
N LEU C 32 0.38 -11.58 12.86
N LEU C 32 0.37 -11.58 12.86
CA LEU C 32 1.31 -11.48 11.73
CA LEU C 32 1.31 -11.46 11.77
C LEU C 32 1.86 -10.06 11.70
C LEU C 32 1.87 -10.05 11.82
N LEU C 33 3.18 -9.94 11.63
CA LEU C 33 3.86 -8.65 11.56
C LEU C 33 4.80 -8.70 10.36
N ALA C 34 4.41 -8.02 9.27
CA ALA C 34 5.15 -8.04 8.03
C ALA C 34 6.15 -6.89 7.96
N VAL C 35 7.41 -7.25 7.71
CA VAL C 35 8.53 -6.32 7.65
C VAL C 35 9.22 -6.51 6.29
N HIS C 36 9.41 -5.41 5.56
CA HIS C 36 10.13 -5.47 4.31
C HIS C 36 11.60 -5.76 4.57
N ARG C 37 12.24 -6.46 3.63
CA ARG C 37 13.64 -6.80 3.79
C ARG C 37 14.51 -5.56 4.02
N CYS C 38 14.13 -4.40 3.44
CA CYS C 38 14.97 -3.22 3.54
C CYS C 38 15.12 -2.75 4.99
N ALA C 39 14.16 -3.09 5.85
CA ALA C 39 14.22 -2.72 7.26
C ALA C 39 15.31 -3.48 7.99
N LEU C 40 15.69 -4.65 7.45
CA LEU C 40 16.71 -5.52 8.03
C LEU C 40 18.05 -5.35 7.29
N GLU C 41 18.00 -5.16 5.98
CA GLU C 41 19.19 -5.08 5.15
C GLU C 41 19.76 -3.67 5.21
N SER C 42 18.87 -2.67 5.30
CA SER C 42 19.25 -1.27 5.22
C SER C 42 18.61 -0.47 6.35
N PRO C 43 18.92 -0.77 7.64
CA PRO C 43 18.43 0.02 8.76
C PRO C 43 19.29 1.25 9.02
N THR C 52 21.37 -1.25 23.24
CA THR C 52 19.93 -1.11 23.55
C THR C 52 19.13 -2.16 22.78
N VAL C 53 17.82 -2.20 23.02
CA VAL C 53 16.92 -2.97 22.18
C VAL C 53 16.57 -2.10 20.98
N PRO C 54 16.78 -2.58 19.73
CA PRO C 54 16.37 -1.81 18.55
C PRO C 54 14.87 -1.57 18.59
N PRO C 55 14.37 -0.38 18.16
CA PRO C 55 12.93 -0.17 18.03
C PRO C 55 12.42 -0.90 16.80
N PRO C 56 11.11 -1.21 16.73
CA PRO C 56 10.55 -1.75 15.52
C PRO C 56 10.69 -0.76 14.38
N PRO C 57 10.75 -1.22 13.11
CA PRO C 57 10.73 -0.30 11.98
C PRO C 57 9.49 0.59 12.04
N ARG C 58 9.61 1.83 11.57
CA ARG C 58 8.47 2.71 11.45
C ARG C 58 7.39 2.11 10.55
N VAL C 59 7.80 1.53 9.41
CA VAL C 59 6.87 1.00 8.43
C VAL C 59 6.77 -0.52 8.63
N VAL C 60 5.62 -0.96 9.13
CA VAL C 60 5.30 -2.38 9.25
C VAL C 60 3.80 -2.53 9.02
N ASP C 61 3.39 -3.76 8.70
CA ASP C 61 1.98 -4.13 8.68
C ASP C 61 1.76 -5.14 9.79
N LYS C 62 0.67 -4.99 10.52
CA LYS C 62 0.42 -5.87 11.66
C LYS C 62 -1.06 -6.26 11.66
N LEU C 63 -1.29 -7.55 11.94
CA LEU C 63 -2.63 -8.08 12.13
C LEU C 63 -2.62 -8.96 13.37
N SER C 64 -3.49 -8.68 14.34
CA SER C 64 -3.62 -9.48 15.55
C SER C 64 -5.10 -9.75 15.76
N LEU C 65 -5.50 -11.03 15.78
CA LEU C 65 -6.90 -11.41 15.84
C LEU C 65 -7.07 -12.51 16.87
N CYS C 66 -8.19 -12.47 17.58
CA CYS C 66 -8.63 -13.59 18.40
C CYS C 66 -9.68 -14.39 17.65
N VAL C 67 -9.73 -15.69 17.96
CA VAL C 67 -10.54 -16.66 17.23
C VAL C 67 -11.26 -17.53 18.26
N ALA C 68 -12.55 -17.78 18.01
CA ALA C 68 -13.31 -18.71 18.83
C ALA C 68 -13.03 -20.13 18.37
N PRO C 69 -12.45 -21.00 19.24
CA PRO C 69 -12.27 -22.40 18.89
C PRO C 69 -13.60 -23.12 19.13
N GLY C 70 -13.68 -24.38 18.72
CA GLY C 70 -14.90 -25.16 18.85
C GLY C 70 -14.97 -25.95 20.17
N LYS C 71 -14.00 -25.74 21.06
CA LYS C 71 -13.94 -26.49 22.30
C LYS C 71 -13.21 -25.67 23.36
N ALA C 72 -13.27 -26.15 24.59
CA ALA C 72 -12.59 -25.52 25.70
C ALA C 72 -11.08 -25.56 25.49
N CYS C 73 -10.43 -24.51 25.96
CA CYS C 73 -8.99 -24.52 26.17
C CYS C 73 -8.69 -25.40 27.37
N SER C 74 -7.55 -26.10 27.34
CA SER C 74 -7.16 -26.82 28.53
C SER C 74 -6.82 -25.84 29.64
N PRO C 75 -6.90 -26.25 30.92
CA PRO C 75 -6.46 -25.38 32.02
C PRO C 75 -5.04 -24.85 31.85
N ALA C 76 -4.13 -25.71 31.42
CA ALA C 76 -2.75 -25.32 31.21
C ALA C 76 -2.65 -24.27 30.10
N ALA C 77 -3.41 -24.45 29.02
CA ALA C 77 -3.40 -23.49 27.92
C ALA C 77 -3.89 -22.13 28.40
N SER C 78 -5.00 -22.10 29.17
CA SER C 78 -5.54 -20.84 29.63
C SER C 78 -4.55 -20.11 30.52
N GLU C 79 -3.80 -20.85 31.35
CA GLU C 79 -2.86 -20.22 32.26
C GLU C 79 -1.75 -19.53 31.50
N ILE C 80 -1.25 -20.14 30.42
CA ILE C 80 -0.09 -19.59 29.74
C ILE C 80 -0.50 -18.54 28.69
N THR C 81 -1.70 -18.67 28.10
CA THR C 81 -2.15 -17.78 27.03
C THR C 81 -2.98 -16.62 27.56
N GLY C 82 -3.63 -16.80 28.71
CA GLY C 82 -4.54 -15.80 29.24
C GLY C 82 -5.88 -15.74 28.52
N LEU C 83 -6.18 -16.77 27.69
CA LEU C 83 -7.42 -16.88 26.94
C LEU C 83 -8.21 -18.09 27.44
N SER C 84 -9.53 -18.00 27.31
CA SER C 84 -10.42 -19.14 27.50
C SER C 84 -11.54 -19.04 26.48
N THR C 85 -12.15 -20.18 26.18
CA THR C 85 -13.17 -20.22 25.15
C THR C 85 -14.38 -19.38 25.55
N ALA C 86 -14.79 -19.45 26.83
CA ALA C 86 -15.95 -18.69 27.28
C ALA C 86 -15.72 -17.18 27.18
N VAL C 87 -14.50 -16.73 27.47
CA VAL C 87 -14.18 -15.31 27.37
C VAL C 87 -14.11 -14.87 25.91
N LEU C 88 -13.54 -15.70 25.03
CA LEU C 88 -13.55 -15.40 23.60
C LEU C 88 -14.98 -15.27 23.10
N ALA C 89 -15.86 -16.17 23.57
CA ALA C 89 -17.27 -16.12 23.22
C ALA C 89 -17.93 -14.83 23.72
N ALA C 90 -17.60 -14.42 24.95
CA ALA C 90 -18.20 -13.21 25.52
C ALA C 90 -17.79 -11.97 24.71
N HIS C 91 -16.65 -12.03 24.03
CA HIS C 91 -16.20 -10.91 23.20
C HIS C 91 -16.67 -11.08 21.76
N GLY C 92 -17.60 -12.01 21.51
CA GLY C 92 -18.21 -12.14 20.20
C GLY C 92 -17.28 -12.66 19.11
N ARG C 93 -16.25 -13.42 19.49
CA ARG C 93 -15.30 -13.90 18.50
C ARG C 93 -15.93 -14.96 17.60
N GLN C 94 -15.51 -14.92 16.33
CA GLN C 94 -15.94 -15.88 15.33
C GLN C 94 -14.87 -16.95 15.14
N CYS C 95 -15.30 -18.08 14.57
N CYS C 95 -15.30 -18.07 14.56
CA CYS C 95 -14.46 -19.24 14.39
CA CYS C 95 -14.43 -19.21 14.40
C CYS C 95 -13.50 -19.03 13.22
C CYS C 95 -13.47 -19.00 13.22
N PHE C 96 -12.60 -19.99 13.03
CA PHE C 96 -11.71 -20.00 11.87
C PHE C 96 -12.54 -20.43 10.68
N ASP C 97 -12.79 -19.52 9.75
CA ASP C 97 -13.69 -19.80 8.65
C ASP C 97 -13.15 -19.17 7.36
N ASP C 98 -13.97 -19.27 6.31
CA ASP C 98 -13.69 -18.70 5.01
C ASP C 98 -13.25 -17.24 5.08
N ASN C 99 -14.06 -16.42 5.77
CA ASN C 99 -13.80 -14.99 5.86
C ASN C 99 -12.41 -14.79 6.46
N LEU C 100 -12.07 -15.56 7.49
CA LEU C 100 -10.77 -15.39 8.12
C LEU C 100 -9.66 -15.75 7.14
N ALA C 101 -9.78 -16.88 6.44
CA ALA C 101 -8.76 -17.28 5.48
C ALA C 101 -8.58 -16.20 4.41
N ASN C 102 -9.69 -15.65 3.93
CA ASN C 102 -9.66 -14.58 2.93
C ASN C 102 -8.97 -13.33 3.48
N LEU C 103 -9.25 -13.01 4.75
CA LEU C 103 -8.64 -11.87 5.42
C LEU C 103 -7.12 -12.06 5.45
N LEU C 104 -6.67 -13.24 5.89
CA LEU C 104 -5.24 -13.53 5.97
C LEU C 104 -4.61 -13.38 4.59
N LEU C 105 -5.26 -13.92 3.55
CA LEU C 105 -4.73 -13.85 2.20
C LEU C 105 -4.67 -12.41 1.70
N ALA C 106 -5.70 -11.61 1.99
CA ALA C 106 -5.70 -10.21 1.59
C ALA C 106 -4.56 -9.45 2.27
N PHE C 107 -4.28 -9.78 3.54
CA PHE C 107 -3.17 -9.16 4.26
C PHE C 107 -1.85 -9.55 3.60
N LEU C 108 -1.68 -10.84 3.30
CA LEU C 108 -0.43 -11.29 2.69
C LEU C 108 -0.26 -10.68 1.31
N ARG C 109 -1.36 -10.50 0.57
CA ARG C 109 -1.29 -9.94 -0.77
C ARG C 109 -0.84 -8.48 -0.76
N ARG C 110 -0.89 -7.79 0.38
CA ARG C 110 -0.34 -6.45 0.46
C ARG C 110 1.17 -6.45 0.60
N GLN C 111 1.78 -7.62 0.72
CA GLN C 111 3.22 -7.69 0.93
C GLN C 111 3.91 -8.13 -0.34
N PRO C 112 5.07 -7.54 -0.70
CA PRO C 112 5.81 -8.03 -1.87
C PRO C 112 6.33 -9.45 -1.67
N GLN C 113 6.26 -10.20 -2.77
CA GLN C 113 6.72 -11.58 -2.79
C GLN C 113 8.14 -11.63 -3.28
N PRO C 114 8.90 -12.70 -2.95
CA PRO C 114 8.46 -13.77 -2.05
C PRO C 114 8.33 -13.37 -0.59
N TRP C 115 7.33 -14.01 0.05
N TRP C 115 7.36 -13.93 0.11
CA TRP C 115 6.95 -13.92 1.46
CA TRP C 115 7.32 -13.65 1.51
C TRP C 115 7.65 -15.02 2.25
C TRP C 115 7.52 -14.93 2.31
N CYS C 116 8.14 -14.73 3.48
CA CYS C 116 8.59 -15.80 4.35
C CYS C 116 8.03 -15.61 5.76
N LEU C 117 7.21 -16.57 6.20
CA LEU C 117 6.75 -16.62 7.58
C LEU C 117 7.92 -17.01 8.47
N VAL C 118 7.99 -16.38 9.64
CA VAL C 118 9.04 -16.64 10.62
C VAL C 118 8.37 -16.85 11.96
N ALA C 119 8.50 -18.06 12.54
CA ALA C 119 7.86 -18.38 13.80
C ALA C 119 8.78 -19.23 14.65
N HIS C 120 8.67 -19.05 15.97
CA HIS C 120 9.61 -19.67 16.90
C HIS C 120 9.11 -21.08 17.26
N ASN C 121 9.89 -22.11 16.91
CA ASN C 121 9.37 -23.47 16.94
C ASN C 121 8.16 -23.57 16.01
N GLY C 122 8.19 -22.80 14.91
CA GLY C 122 7.11 -22.79 13.95
C GLY C 122 6.84 -24.17 13.35
N ASP C 123 7.89 -24.99 13.19
CA ASP C 123 7.71 -26.30 12.59
C ASP C 123 6.88 -27.22 13.48
N ARG C 124 6.93 -26.99 14.79
CA ARG C 124 6.18 -27.78 15.76
C ARG C 124 4.79 -27.21 15.99
N TYR C 125 4.66 -25.88 16.05
CA TYR C 125 3.43 -25.25 16.52
C TYR C 125 2.68 -24.55 15.38
N ASP C 126 3.17 -23.38 14.96
CA ASP C 126 2.36 -22.46 14.17
C ASP C 126 2.12 -22.94 12.74
N PHE C 127 3.16 -23.46 12.09
CA PHE C 127 3.03 -23.85 10.70
C PHE C 127 2.08 -25.03 10.55
N PRO C 128 2.26 -26.16 11.27
CA PRO C 128 1.33 -27.28 11.10
C PRO C 128 -0.09 -26.94 11.54
N LEU C 129 -0.24 -26.08 12.55
CA LEU C 129 -1.58 -25.75 13.00
C LEU C 129 -2.29 -24.89 11.96
N LEU C 130 -1.59 -23.90 11.38
CA LEU C 130 -2.19 -23.10 10.33
C LEU C 130 -2.61 -23.99 9.16
N GLN C 131 -1.74 -24.93 8.77
CA GLN C 131 -2.07 -25.85 7.69
C GLN C 131 -3.29 -26.70 8.05
N ALA C 132 -3.40 -27.14 9.31
CA ALA C 132 -4.53 -27.94 9.73
C ALA C 132 -5.84 -27.14 9.66
N GLU C 133 -5.81 -25.88 10.11
CA GLU C 133 -7.02 -25.07 10.10
C GLU C 133 -7.49 -24.89 8.65
N LEU C 134 -6.54 -24.65 7.75
CA LEU C 134 -6.89 -24.50 6.35
C LEU C 134 -7.45 -25.81 5.79
N ALA C 135 -6.85 -26.94 6.16
CA ALA C 135 -7.32 -28.23 5.67
C ALA C 135 -8.75 -28.54 6.13
N MET C 136 -9.10 -28.14 7.37
CA MET C 136 -10.43 -28.42 7.90
C MET C 136 -11.48 -27.63 7.13
N LEU C 137 -11.06 -26.55 6.47
CA LEU C 137 -11.96 -25.71 5.68
C LEU C 137 -12.02 -26.18 4.23
N GLY C 138 -11.20 -27.19 3.90
CA GLY C 138 -11.04 -27.61 2.52
C GLY C 138 -10.26 -26.59 1.69
N LEU C 139 -9.43 -25.78 2.37
CA LEU C 139 -8.62 -24.76 1.71
C LEU C 139 -7.15 -25.18 1.75
N THR C 140 -6.87 -26.46 1.51
CA THR C 140 -5.49 -26.92 1.45
C THR C 140 -4.78 -26.14 0.34
N SER C 141 -3.56 -25.68 0.61
CA SER C 141 -2.72 -24.98 -0.35
C SER C 141 -3.14 -23.52 -0.55
N ALA C 142 -4.06 -22.97 0.27
CA ALA C 142 -4.45 -21.58 0.13
C ALA C 142 -3.25 -20.65 0.34
N LEU C 143 -2.34 -21.03 1.23
CA LEU C 143 -1.18 -20.19 1.53
C LEU C 143 0.08 -20.81 0.93
N ASP C 144 -0.08 -21.58 -0.15
CA ASP C 144 1.01 -22.33 -0.77
C ASP C 144 2.02 -21.38 -1.42
N GLY C 145 1.62 -20.13 -1.67
CA GLY C 145 2.51 -19.13 -2.24
C GLY C 145 3.69 -18.81 -1.32
N ALA C 146 3.51 -19.03 -0.01
CA ALA C 146 4.45 -18.56 0.98
C ALA C 146 5.65 -19.48 1.16
N PHE C 147 6.72 -18.92 1.75
CA PHE C 147 7.81 -19.69 2.33
C PHE C 147 7.74 -19.57 3.84
N CYS C 148 8.55 -20.37 4.53
CA CYS C 148 8.61 -20.32 5.97
C CYS C 148 9.98 -20.73 6.49
N VAL C 149 10.33 -20.18 7.67
N VAL C 149 10.28 -20.23 7.71
CA VAL C 149 11.47 -20.66 8.42
CA VAL C 149 11.49 -20.51 8.45
C VAL C 149 11.08 -20.69 9.89
C VAL C 149 11.16 -20.60 9.93
N ASP C 150 11.75 -21.59 10.61
CA ASP C 150 11.62 -21.71 12.05
C ASP C 150 12.75 -20.92 12.69
N SER C 151 12.40 -19.90 13.51
CA SER C 151 13.41 -19.03 14.09
C SER C 151 14.28 -19.74 15.14
N ILE C 152 13.81 -20.85 15.72
N ILE C 152 13.83 -20.84 15.74
CA ILE C 152 14.65 -21.56 16.67
CA ILE C 152 14.72 -21.53 16.66
C ILE C 152 15.81 -22.22 15.92
C ILE C 152 15.87 -22.13 15.87
N THR C 153 15.55 -22.72 14.70
CA THR C 153 16.58 -23.30 13.85
C THR C 153 17.55 -22.20 13.43
N ALA C 154 17.03 -21.04 13.06
CA ALA C 154 17.85 -19.90 12.65
C ALA C 154 18.72 -19.40 13.80
N LEU C 155 18.11 -19.14 14.97
CA LEU C 155 18.79 -18.45 16.05
C LEU C 155 19.80 -19.37 16.74
N LYS C 156 19.56 -20.69 16.72
CA LYS C 156 20.55 -21.67 17.16
C LYS C 156 21.78 -21.62 16.26
N ALA C 157 21.56 -21.60 14.96
CA ALA C 157 22.65 -21.54 14.00
C ALA C 157 23.45 -20.25 14.17
N LEU C 158 22.76 -19.11 14.31
CA LEU C 158 23.41 -17.81 14.39
C LEU C 158 24.12 -17.62 15.72
N GLU C 159 23.56 -18.13 16.83
CA GLU C 159 24.16 -17.95 18.14
C GLU C 159 25.39 -18.86 18.27
N ARG C 160 25.30 -20.08 17.73
CA ARG C 160 26.39 -21.03 17.75
C ARG C 160 27.66 -20.39 17.19
N ALA C 161 27.51 -19.67 16.06
CA ALA C 161 28.62 -18.92 15.49
C ALA C 161 28.65 -17.51 16.08
N ARG C 170 24.91 -26.55 27.30
CA ARG C 170 23.61 -26.36 26.57
C ARG C 170 22.91 -25.10 27.08
N LYS C 171 22.41 -24.28 26.15
CA LYS C 171 21.64 -23.09 26.47
C LYS C 171 20.17 -23.37 26.17
N SER C 172 19.27 -22.61 26.82
CA SER C 172 17.86 -22.57 26.44
C SER C 172 17.67 -21.71 25.20
N TYR C 173 16.80 -22.16 24.29
CA TYR C 173 16.47 -21.39 23.10
C TYR C 173 14.99 -20.98 23.15
N SER C 174 14.43 -20.89 24.36
CA SER C 174 13.17 -20.22 24.55
C SER C 174 13.33 -18.76 24.11
N LEU C 175 12.24 -18.13 23.67
CA LEU C 175 12.33 -16.76 23.20
C LEU C 175 12.90 -15.87 24.30
N GLY C 176 12.42 -16.05 25.53
CA GLY C 176 12.82 -15.22 26.66
C GLY C 176 14.29 -15.39 27.00
N SER C 177 14.79 -16.63 26.93
CA SER C 177 16.18 -16.95 27.19
C SER C 177 17.08 -16.28 26.15
N ILE C 178 16.70 -16.35 24.87
CA ILE C 178 17.47 -15.74 23.80
C ILE C 178 17.49 -14.22 24.00
N TYR C 179 16.31 -13.62 24.22
CA TYR C 179 16.20 -12.18 24.37
C TYR C 179 17.12 -11.71 25.51
N THR C 180 17.09 -12.43 26.64
CA THR C 180 17.84 -12.04 27.83
C THR C 180 19.35 -12.08 27.53
N ARG C 181 19.82 -13.10 26.83
CA ARG C 181 21.23 -13.20 26.49
C ARG C 181 21.66 -12.04 25.60
N LEU C 182 20.79 -11.63 24.67
CA LEU C 182 21.15 -10.62 23.68
C LEU C 182 21.10 -9.23 24.30
N TYR C 183 20.05 -8.93 25.06
CA TYR C 183 19.77 -7.56 25.47
C TYR C 183 19.95 -7.35 26.97
N GLY C 184 20.34 -8.40 27.70
CA GLY C 184 20.71 -8.27 29.11
C GLY C 184 19.52 -7.91 29.99
N GLN C 185 18.32 -8.32 29.57
CA GLN C 185 17.09 -8.03 30.31
C GLN C 185 15.96 -8.87 29.72
N SER C 186 14.95 -9.15 30.53
CA SER C 186 13.77 -9.89 30.07
C SER C 186 13.03 -9.08 29.02
N PRO C 187 12.32 -9.73 28.08
CA PRO C 187 11.44 -9.03 27.16
C PRO C 187 10.24 -8.47 27.92
N PRO C 188 9.44 -7.57 27.30
CA PRO C 188 8.26 -7.03 27.96
C PRO C 188 7.34 -8.15 28.43
N ASP C 189 6.68 -7.94 29.58
CA ASP C 189 5.75 -8.89 30.13
C ASP C 189 4.44 -8.82 29.32
N SER C 190 4.37 -9.66 28.28
N SER C 190 4.24 -9.80 28.42
CA SER C 190 3.24 -9.65 27.37
CA SER C 190 3.10 -9.77 27.52
C SER C 190 3.03 -11.05 26.81
C SER C 190 2.23 -11.03 27.63
N HIS C 191 2.24 -11.85 27.55
N HIS C 191 2.77 -12.18 27.21
CA HIS C 191 1.96 -13.24 27.21
CA HIS C 191 2.00 -13.42 27.17
C HIS C 191 0.84 -13.30 26.19
C HIS C 191 0.84 -13.30 26.19
N THR C 192 1.11 -12.73 25.00
CA THR C 192 0.15 -12.63 23.92
C THR C 192 0.87 -12.95 22.62
N ALA C 193 0.10 -13.28 21.58
CA ALA C 193 0.68 -13.58 20.29
C ALA C 193 1.46 -12.37 19.77
N GLU C 194 0.89 -11.16 19.94
CA GLU C 194 1.57 -9.97 19.46
C GLU C 194 2.85 -9.72 20.25
N GLY C 195 2.80 -9.95 21.56
CA GLY C 195 3.98 -9.75 22.40
C GLY C 195 5.12 -10.64 21.94
N ASP C 196 4.79 -11.91 21.63
CA ASP C 196 5.77 -12.87 21.18
C ASP C 196 6.33 -12.48 19.82
N VAL C 197 5.47 -12.01 18.91
CA VAL C 197 5.95 -11.55 17.62
C VAL C 197 6.90 -10.36 17.78
N LEU C 198 6.55 -9.39 18.64
CA LEU C 198 7.39 -8.23 18.79
C LEU C 198 8.75 -8.59 19.39
N ALA C 199 8.78 -9.52 20.34
CA ALA C 199 10.03 -9.93 20.95
C ALA C 199 10.90 -10.66 19.93
N LEU C 200 10.27 -11.51 19.10
CA LEU C 200 10.99 -12.20 18.05
C LEU C 200 11.57 -11.21 17.05
N LEU C 201 10.80 -10.19 16.67
CA LEU C 201 11.32 -9.18 15.77
C LEU C 201 12.57 -8.53 16.38
N SER C 202 12.49 -8.15 17.67
CA SER C 202 13.62 -7.53 18.35
C SER C 202 14.86 -8.42 18.28
N ILE C 203 14.70 -9.73 18.51
CA ILE C 203 15.81 -10.66 18.45
C ILE C 203 16.39 -10.69 17.04
N CYS C 204 15.51 -10.71 16.03
CA CYS C 204 15.94 -10.82 14.64
C CYS C 204 16.64 -9.54 14.17
N GLN C 205 16.42 -8.41 14.87
CA GLN C 205 17.08 -7.15 14.55
C GLN C 205 18.45 -7.00 15.22
N TRP C 206 18.85 -7.96 16.05
CA TRP C 206 20.12 -7.93 16.75
C TRP C 206 21.28 -7.89 15.73
N ARG C 207 21.27 -8.87 14.82
CA ARG C 207 22.23 -8.95 13.74
C ARG C 207 21.42 -9.21 12.47
N PRO C 208 20.78 -8.17 11.91
CA PRO C 208 19.74 -8.38 10.92
C PRO C 208 20.22 -8.88 9.55
N GLN C 209 21.42 -8.48 9.12
CA GLN C 209 21.93 -8.88 7.82
C GLN C 209 22.23 -10.39 7.80
N ALA C 210 22.83 -10.91 8.88
CA ALA C 210 23.13 -12.32 9.01
C ALA C 210 21.83 -13.15 9.02
N LEU C 211 20.81 -12.59 9.65
CA LEU C 211 19.50 -13.23 9.81
C LEU C 211 18.87 -13.33 8.45
N LEU C 212 18.89 -12.22 7.71
CA LEU C 212 18.37 -12.20 6.36
C LEU C 212 19.06 -13.24 5.49
N ARG C 213 20.40 -13.27 5.54
CA ARG C 213 21.17 -14.18 4.72
C ARG C 213 20.75 -15.61 5.03
N TRP C 214 20.59 -15.92 6.31
CA TRP C 214 20.20 -17.26 6.72
C TRP C 214 18.80 -17.60 6.20
N VAL C 215 17.86 -16.68 6.38
CA VAL C 215 16.50 -16.89 5.92
C VAL C 215 16.49 -17.12 4.40
N ASP C 216 17.20 -16.26 3.66
CA ASP C 216 17.27 -16.39 2.21
C ASP C 216 17.81 -17.75 1.81
N ALA C 217 18.78 -18.28 2.57
CA ALA C 217 19.43 -19.54 2.26
C ALA C 217 18.56 -20.76 2.62
N HIS C 218 17.66 -20.63 3.61
CA HIS C 218 17.01 -21.78 4.22
C HIS C 218 15.49 -21.76 4.08
N ALA C 219 14.91 -20.74 3.42
CA ALA C 219 13.47 -20.64 3.28
C ALA C 219 12.89 -21.91 2.62
N ARG C 220 11.79 -22.41 3.18
CA ARG C 220 11.16 -23.65 2.75
C ARG C 220 9.76 -23.31 2.22
N PRO C 221 9.30 -23.91 1.10
CA PRO C 221 7.92 -23.71 0.67
C PRO C 221 6.92 -24.12 1.75
N PHE C 222 5.90 -23.30 1.99
CA PHE C 222 4.95 -23.58 3.04
C PHE C 222 4.17 -24.87 2.73
N GLY C 223 4.02 -25.20 1.45
CA GLY C 223 3.35 -26.43 1.03
C GLY C 223 4.07 -27.71 1.47
N THR C 224 5.33 -27.61 1.91
CA THR C 224 6.04 -28.78 2.42
C THR C 224 5.68 -29.03 3.89
N ILE C 225 4.93 -28.12 4.53
CA ILE C 225 4.49 -28.32 5.90
C ILE C 225 3.22 -29.17 5.90
N ARG C 226 3.32 -30.36 6.48
CA ARG C 226 2.15 -31.22 6.66
C ARG C 226 1.23 -30.63 7.72
N PRO C 227 -0.10 -30.75 7.56
CA PRO C 227 -1.03 -30.31 8.60
C PRO C 227 -0.83 -31.10 9.89
N MET C 228 -1.05 -30.44 11.01
CA MET C 228 -0.91 -31.05 12.31
C MET C 228 -1.83 -32.27 12.44
N TYR C 229 -3.02 -32.17 11.82
CA TYR C 229 -4.03 -33.21 11.80
C TYR C 229 -4.95 -32.90 10.64
N GLY C 230 -5.82 -33.86 10.27
CA GLY C 230 -6.77 -33.67 9.19
C GLY C 230 -8.19 -33.94 9.66
N VAL C 231 -9.12 -34.07 8.70
CA VAL C 231 -10.46 -34.53 8.98
C VAL C 231 -10.38 -35.92 9.59
N THR C 232 -11.15 -36.14 10.66
CA THR C 232 -11.10 -37.37 11.44
C THR C 232 -11.73 -38.50 10.66
#